data_9RKE
#
_entry.id   9RKE
#
_cell.length_a   101.934
_cell.length_b   101.934
_cell.length_c   275.675
_cell.angle_alpha   90.000
_cell.angle_beta   90.000
_cell.angle_gamma   120.000
#
_symmetry.space_group_name_H-M   'P 32 2 1'
#
loop_
_entity.id
_entity.type
_entity.pdbx_description
1 polymer Elongin-B
2 polymer Elongin-C
3 polymer 'von Hippel-Lindau disease tumor suppressor'
4 polymer 'Isoform 2B of GTPase KRas'
5 non-polymer GLYCEROL
6 non-polymer (2S,4R)-1-[(2R)-2-[3-[4-[(3S)-4-[4-[5-[(4S)-2-azanyl-3-cyano-4-methyl-6,7-dihydro-5H-1-benzothiophen-4-yl]-1,2,4-oxadiazol-3-yl]pyrimidin-2-yl]-3-methyl-1,4-diazepan-1-yl]butoxy]-1,2-oxazol-5-yl]-3-methyl-butanoyl]-N-[[4-(4-methyl-1,3-thiazol-5-yl)phenyl]methyl]-4-oxidanyl-pyrrolidine-2-carboxamide
7 non-polymer 'PHOSPHOMETHYLPHOSPHONIC ACID GUANYLATE ESTER'
8 non-polymer 'MAGNESIUM ION'
9 non-polymer 'CITRATE ANION'
10 water water
#
loop_
_entity_poly.entity_id
_entity_poly.type
_entity_poly.pdbx_seq_one_letter_code
_entity_poly.pdbx_strand_id
1 'polypeptide(L)'
;MDVFLMIRRHKTTIFTDAKESSTVFELKRIVEGILKRPPDEQRLYKDDQLLDDGKTLGECGFTSQTARPQAPATVGLAFR
ADDTFEALCIEPFSSPPELPDVMK
;
A,E
2 'polypeptide(L)'
;MMYVKLISSDGHEFIVKREHALTSGTIKAMLSGPGQFAENETNEVNFREIPSHVLSKVCMYFTYKVRYTNSSTEIPEFPI
APEIALELLMAANFLDC
;
B,F
3 'polypeptide(L)'
;GSMEAGRPRPVLRSVNSREPSQVIFCNRSPRVVLPVWLNFDGEPQPYPTLPPGTGRRIHSYRGHLWLFRDAGTHDGLLVN
QTELFVPSLNVDGQPIFANITLPVYTLKERCLQVVRSLVKPENYRRLDIVRSLYEDLEDHPNVQKDLERLTQERIAHQRM
GD
;
C,G
4 'polypeptide(L)'
;GMTEYKLVVVGARGVGKSALTIQLIQNHFVDEYDPTIEDSYRKQVVIDGETCLLDILDTAGQEEYSAMRDQYMRTGEGFL
CVFAINNTKSFEDIHHYREQIKRVKDSEDVPMVLVGNKCDLPSRTVDTKQAQDLARSYGIPFIETSAKTRQGVDDAFYTL
VREIRKHKEK
;
D,H
#
# COMPACT_ATOMS: atom_id res chain seq x y z
N MET A 1 -8.46 -14.42 0.96
CA MET A 1 -7.10 -14.55 0.47
C MET A 1 -6.94 -15.81 -0.39
N ASP A 2 -6.44 -15.63 -1.61
CA ASP A 2 -6.26 -16.73 -2.53
C ASP A 2 -4.85 -17.32 -2.43
N VAL A 3 -4.72 -18.56 -2.87
CA VAL A 3 -3.43 -19.23 -2.98
C VAL A 3 -3.38 -19.91 -4.34
N PHE A 4 -2.21 -19.84 -4.98
CA PHE A 4 -2.04 -20.35 -6.34
C PHE A 4 -1.08 -21.53 -6.32
N LEU A 5 -1.48 -22.62 -6.97
CA LEU A 5 -0.85 -23.91 -6.78
C LEU A 5 -0.48 -24.53 -8.12
N MET A 6 0.52 -25.42 -8.08
CA MET A 6 0.94 -26.23 -9.22
C MET A 6 0.82 -27.70 -8.80
N ILE A 7 -0.34 -28.30 -9.07
CA ILE A 7 -0.52 -29.71 -8.83
C ILE A 7 0.23 -30.49 -9.91
N ARG A 8 1.13 -31.37 -9.50
CA ARG A 8 2.08 -32.01 -10.41
C ARG A 8 2.13 -33.51 -10.16
N ARG A 9 1.98 -34.28 -11.23
CA ARG A 9 2.17 -35.72 -11.21
C ARG A 9 2.79 -36.13 -12.53
N HIS A 10 3.91 -36.87 -12.47
CA HIS A 10 4.66 -37.31 -13.64
C HIS A 10 5.10 -36.06 -14.40
N LYS A 11 4.78 -35.91 -15.67
CA LYS A 11 5.14 -34.71 -16.43
C LYS A 11 3.95 -33.79 -16.65
N THR A 12 2.89 -33.94 -15.87
CA THR A 12 1.70 -33.12 -15.97
C THR A 12 1.66 -32.12 -14.81
N THR A 13 1.29 -30.89 -15.11
CA THR A 13 1.26 -29.81 -14.12
C THR A 13 -0.02 -29.00 -14.31
N ILE A 14 -0.77 -28.81 -13.22
CA ILE A 14 -2.03 -28.09 -13.24
C ILE A 14 -1.86 -26.78 -12.50
N PHE A 15 -2.24 -25.68 -13.16
CA PHE A 15 -2.24 -24.35 -12.56
C PHE A 15 -3.67 -24.01 -12.15
N THR A 16 -3.95 -24.07 -10.86
CA THR A 16 -5.27 -23.69 -10.35
C THR A 16 -5.10 -22.89 -9.08
N ASP A 17 -6.21 -22.34 -8.59
CA ASP A 17 -6.19 -21.49 -7.40
C ASP A 17 -7.33 -21.88 -6.47
N ALA A 18 -7.16 -21.51 -5.20
CA ALA A 18 -8.17 -21.72 -4.18
C ALA A 18 -7.90 -20.75 -3.05
N LYS A 19 -8.85 -20.68 -2.11
CA LYS A 19 -8.75 -19.79 -0.97
C LYS A 19 -7.97 -20.45 0.15
N GLU A 20 -7.31 -19.62 0.98
CA GLU A 20 -6.61 -20.13 2.15
C GLU A 20 -7.54 -20.92 3.05
N SER A 21 -8.82 -20.53 3.11
CA SER A 21 -9.81 -21.20 3.95
C SER A 21 -10.32 -22.50 3.36
N SER A 22 -9.99 -22.82 2.11
CA SER A 22 -10.46 -24.04 1.49
C SER A 22 -9.65 -25.23 1.96
N THR A 23 -10.29 -26.40 2.01
CA THR A 23 -9.69 -27.62 2.52
C THR A 23 -9.11 -28.44 1.38
N VAL A 24 -8.31 -29.45 1.76
CA VAL A 24 -7.67 -30.31 0.77
C VAL A 24 -8.71 -31.09 -0.02
N PHE A 25 -9.81 -31.49 0.63
CA PHE A 25 -10.84 -32.25 -0.08
C PHE A 25 -11.44 -31.43 -1.21
N GLU A 26 -11.65 -30.12 -0.97
CA GLU A 26 -12.17 -29.26 -2.02
C GLU A 26 -11.19 -29.11 -3.17
N LEU A 27 -9.89 -29.12 -2.86
CA LEU A 27 -8.89 -29.14 -3.93
C LEU A 27 -8.97 -30.44 -4.70
N LYS A 28 -9.10 -31.57 -3.99
CA LYS A 28 -9.27 -32.86 -4.66
C LYS A 28 -10.52 -32.86 -5.54
N ARG A 29 -11.52 -32.06 -5.18
CA ARG A 29 -12.72 -31.96 -6.01
C ARG A 29 -12.42 -31.25 -7.32
N ILE A 30 -11.53 -30.25 -7.29
CA ILE A 30 -11.17 -29.52 -8.51
C ILE A 30 -10.32 -30.40 -9.41
N VAL A 31 -9.45 -31.22 -8.83
CA VAL A 31 -8.66 -32.17 -9.61
C VAL A 31 -9.55 -33.20 -10.27
N GLU A 32 -10.67 -33.57 -9.64
CA GLU A 32 -11.62 -34.48 -10.27
C GLU A 32 -12.32 -33.84 -11.45
N GLY A 33 -12.59 -32.53 -11.38
CA GLY A 33 -13.21 -31.84 -12.49
C GLY A 33 -12.29 -31.61 -13.68
N ILE A 34 -11.00 -31.86 -13.52
CA ILE A 34 -10.02 -31.67 -14.58
C ILE A 34 -9.49 -33.00 -15.09
N LEU A 35 -8.99 -33.85 -14.21
CA LEU A 35 -8.37 -35.12 -14.59
C LEU A 35 -9.34 -36.28 -14.53
N LYS A 36 -10.60 -36.04 -14.15
CA LYS A 36 -11.65 -37.07 -14.12
C LYS A 36 -11.26 -38.27 -13.25
N ARG A 37 -10.64 -38.01 -12.11
CA ARG A 37 -10.33 -39.07 -11.17
C ARG A 37 -11.01 -38.79 -9.83
N PRO A 38 -11.65 -39.79 -9.22
CA PRO A 38 -12.38 -39.58 -7.96
C PRO A 38 -11.46 -39.10 -6.86
N PRO A 39 -11.92 -38.16 -6.01
CA PRO A 39 -11.05 -37.68 -4.92
C PRO A 39 -10.66 -38.78 -3.94
N ASP A 40 -11.46 -39.84 -3.82
CA ASP A 40 -11.06 -40.97 -2.99
C ASP A 40 -9.77 -41.59 -3.52
N GLU A 41 -9.57 -41.57 -4.83
CA GLU A 41 -8.35 -42.08 -5.46
C GLU A 41 -7.25 -41.04 -5.54
N GLN A 42 -7.42 -39.87 -4.91
CA GLN A 42 -6.42 -38.81 -4.94
C GLN A 42 -5.65 -38.73 -3.63
N ARG A 43 -4.35 -38.43 -3.73
CA ARG A 43 -3.50 -38.19 -2.57
C ARG A 43 -2.66 -36.96 -2.87
N LEU A 44 -2.91 -35.86 -2.16
CA LEU A 44 -2.20 -34.61 -2.38
C LEU A 44 -1.07 -34.45 -1.36
N TYR A 45 0.07 -33.96 -1.82
CA TYR A 45 1.28 -33.88 -1.02
C TYR A 45 1.87 -32.48 -1.08
N LYS A 46 2.26 -31.94 0.07
CA LYS A 46 3.14 -30.79 0.12
C LYS A 46 4.56 -31.31 0.28
N ASP A 47 5.40 -31.05 -0.72
CA ASP A 47 6.71 -31.69 -0.83
C ASP A 47 6.56 -33.20 -0.68
N ASP A 48 6.91 -33.74 0.50
CA ASP A 48 6.82 -35.17 0.74
C ASP A 48 5.74 -35.58 1.74
N GLN A 49 5.18 -34.64 2.50
CA GLN A 49 4.20 -34.98 3.54
C GLN A 49 2.78 -35.01 2.98
N LEU A 50 2.02 -36.01 3.41
CA LEU A 50 0.64 -36.13 2.98
C LEU A 50 -0.23 -35.07 3.65
N LEU A 51 -1.19 -34.55 2.91
CA LEU A 51 -2.09 -33.50 3.38
C LEU A 51 -3.41 -34.08 3.86
N ASP A 52 -3.86 -33.63 5.03
CA ASP A 52 -5.12 -34.10 5.58
C ASP A 52 -6.28 -33.48 4.82
N ASP A 53 -7.22 -34.32 4.39
CA ASP A 53 -8.38 -33.86 3.62
C ASP A 53 -9.24 -32.86 4.37
N GLY A 54 -9.12 -32.79 5.69
CA GLY A 54 -9.96 -31.91 6.48
C GLY A 54 -9.31 -30.58 6.80
N LYS A 55 -7.99 -30.53 6.72
CA LYS A 55 -7.24 -29.31 6.97
C LYS A 55 -7.31 -28.33 5.81
N THR A 56 -7.46 -27.04 6.14
CA THR A 56 -7.49 -26.01 5.13
C THR A 56 -6.11 -25.85 4.48
N LEU A 57 -6.10 -25.19 3.31
CA LEU A 57 -4.85 -24.99 2.59
C LEU A 57 -3.85 -24.16 3.40
N GLY A 58 -4.32 -23.11 4.06
CA GLY A 58 -3.43 -22.31 4.90
C GLY A 58 -2.85 -23.12 6.04
N GLU A 59 -3.64 -24.03 6.59
CA GLU A 59 -3.15 -24.88 7.68
C GLU A 59 -2.02 -25.79 7.24
N CYS A 60 -1.96 -26.13 5.95
CA CYS A 60 -0.89 -26.97 5.43
C CYS A 60 0.39 -26.19 5.14
N GLY A 61 0.35 -24.86 5.16
CA GLY A 61 1.51 -24.05 4.83
C GLY A 61 1.34 -23.20 3.59
N PHE A 62 0.22 -23.31 2.88
CA PHE A 62 -0.04 -22.54 1.67
C PHE A 62 -0.69 -21.21 2.04
N THR A 63 0.15 -20.29 2.52
CA THR A 63 -0.32 -18.93 2.76
C THR A 63 -0.19 -18.12 1.48
N SER A 64 -0.81 -16.93 1.48
CA SER A 64 -0.69 -16.04 0.32
C SER A 64 0.73 -15.61 0.07
N GLN A 65 1.60 -15.64 1.09
CA GLN A 65 3.01 -15.31 0.94
C GLN A 65 3.86 -16.46 0.39
N THR A 66 3.34 -17.69 0.37
CA THR A 66 4.09 -18.82 -0.15
C THR A 66 3.51 -19.39 -1.43
N ALA A 67 2.23 -19.15 -1.71
CA ALA A 67 1.61 -19.63 -2.94
C ALA A 67 1.16 -18.47 -3.82
N ARG A 68 2.09 -17.57 -4.16
CA ARG A 68 1.75 -16.40 -4.95
C ARG A 68 1.52 -16.80 -6.41
N PRO A 69 0.74 -16.02 -7.17
CA PRO A 69 0.50 -16.39 -8.58
C PRO A 69 1.75 -16.36 -9.44
N GLN A 70 2.64 -15.39 -9.23
CA GLN A 70 3.89 -15.35 -9.98
C GLN A 70 4.93 -16.33 -9.44
N ALA A 71 4.60 -17.07 -8.38
CA ALA A 71 5.51 -18.04 -7.78
C ALA A 71 4.70 -19.06 -6.98
N PRO A 72 3.91 -19.91 -7.64
CA PRO A 72 2.98 -20.78 -6.92
C PRO A 72 3.70 -21.85 -6.12
N ALA A 73 2.95 -22.40 -5.16
CA ALA A 73 3.43 -23.53 -4.38
C ALA A 73 3.09 -24.82 -5.10
N THR A 74 3.95 -25.81 -4.93
CA THR A 74 3.83 -27.08 -5.65
C THR A 74 3.17 -28.12 -4.75
N VAL A 75 2.19 -28.82 -5.31
CA VAL A 75 1.47 -29.87 -4.60
C VAL A 75 1.62 -31.16 -5.39
N GLY A 76 2.07 -32.21 -4.72
CA GLY A 76 2.20 -33.49 -5.39
C GLY A 76 0.87 -34.21 -5.51
N LEU A 77 0.81 -35.11 -6.48
CA LEU A 77 -0.42 -35.87 -6.71
C LEU A 77 -0.06 -37.31 -7.04
N ALA A 78 -0.76 -38.24 -6.39
CA ALA A 78 -0.59 -39.67 -6.60
C ALA A 78 -1.96 -40.31 -6.60
N PHE A 79 -2.17 -41.28 -7.49
CA PHE A 79 -3.47 -41.88 -7.65
C PHE A 79 -3.53 -43.24 -6.96
N ARG A 80 -4.71 -43.86 -7.01
CA ARG A 80 -4.94 -45.19 -6.44
C ARG A 80 -5.72 -46.00 -7.46
N ALA A 81 -5.03 -46.92 -8.14
CA ALA A 81 -5.68 -47.85 -9.06
C ALA A 81 -6.29 -48.97 -8.23
N ASP A 82 -7.56 -48.81 -7.88
CA ASP A 82 -8.31 -49.75 -7.04
C ASP A 82 -7.63 -49.76 -5.66
N ASP A 83 -7.24 -50.92 -5.12
CA ASP A 83 -6.56 -50.98 -3.84
C ASP A 83 -5.05 -50.85 -3.98
N THR A 84 -4.55 -50.55 -5.17
CA THR A 84 -3.13 -50.37 -5.42
C THR A 84 -2.80 -48.89 -5.44
N PHE A 85 -1.93 -48.45 -4.54
CA PHE A 85 -1.53 -47.06 -4.42
C PHE A 85 -0.17 -46.86 -5.08
N GLU A 86 -0.07 -45.85 -5.95
CA GLU A 86 1.18 -45.58 -6.64
C GLU A 86 2.12 -44.75 -5.78
N ALA A 87 3.35 -44.60 -6.27
CA ALA A 87 4.38 -43.83 -5.59
C ALA A 87 4.42 -42.42 -6.17
N LEU A 88 4.52 -41.42 -5.28
CA LEU A 88 4.57 -40.04 -5.73
C LEU A 88 5.86 -39.78 -6.50
N CYS A 89 5.73 -39.45 -7.78
CA CYS A 89 6.86 -39.14 -8.62
C CYS A 89 6.50 -37.95 -9.49
N ILE A 90 7.30 -36.88 -9.39
CA ILE A 90 7.09 -35.68 -10.18
C ILE A 90 8.33 -35.50 -11.04
N GLU A 91 8.18 -35.71 -12.34
CA GLU A 91 9.31 -35.61 -13.25
C GLU A 91 9.74 -34.14 -13.36
N PRO A 92 10.98 -33.80 -13.08
CA PRO A 92 11.37 -32.39 -13.02
C PRO A 92 11.37 -31.74 -14.40
N PHE A 93 11.27 -30.41 -14.39
CA PHE A 93 11.28 -29.65 -15.62
C PHE A 93 12.69 -29.63 -16.23
N SER A 94 12.77 -29.09 -17.44
CA SER A 94 14.04 -29.00 -18.15
C SER A 94 14.97 -28.01 -17.46
N SER A 95 16.23 -28.02 -17.89
CA SER A 95 17.21 -27.12 -17.33
C SER A 95 17.58 -26.02 -18.32
N PRO A 96 17.85 -24.81 -17.84
CA PRO A 96 18.25 -23.73 -18.74
C PRO A 96 19.74 -23.79 -19.04
N PRO A 97 20.15 -23.36 -20.22
CA PRO A 97 21.59 -23.34 -20.52
C PRO A 97 22.33 -22.36 -19.64
N GLU A 98 23.64 -22.56 -19.54
CA GLU A 98 24.47 -21.66 -18.76
C GLU A 98 24.34 -20.23 -19.30
N LEU A 99 24.21 -19.28 -18.40
CA LEU A 99 23.97 -17.90 -18.78
C LEU A 99 25.13 -17.38 -19.63
N PRO A 100 24.86 -16.71 -20.75
CA PRO A 100 25.94 -16.24 -21.63
C PRO A 100 26.86 -15.27 -20.92
N ASP A 101 28.10 -15.20 -21.40
CA ASP A 101 29.11 -14.33 -20.80
C ASP A 101 28.70 -12.86 -20.89
N VAL A 102 27.87 -12.49 -21.87
CA VAL A 102 27.45 -11.11 -22.03
C VAL A 102 26.58 -10.62 -20.88
N MET A 103 26.09 -11.52 -20.03
CA MET A 103 25.22 -11.15 -18.92
C MET A 103 25.91 -11.20 -17.56
N LYS A 104 27.01 -11.92 -17.43
CA LYS A 104 27.72 -12.01 -16.16
C LYS A 104 28.24 -10.64 -15.74
N MET B 2 -13.42 -24.30 -17.33
CA MET B 2 -12.86 -24.96 -18.52
C MET B 2 -11.36 -24.69 -18.64
N TYR B 3 -10.61 -25.74 -18.96
CA TYR B 3 -9.16 -25.71 -18.95
C TYR B 3 -8.62 -26.11 -20.32
N VAL B 4 -7.32 -25.86 -20.52
CA VAL B 4 -6.63 -26.18 -21.75
C VAL B 4 -5.24 -26.71 -21.39
N LYS B 5 -4.76 -27.66 -22.20
CA LYS B 5 -3.46 -28.28 -22.00
C LYS B 5 -2.43 -27.62 -22.91
N LEU B 6 -1.29 -27.24 -22.33
CA LEU B 6 -0.17 -26.66 -23.08
C LEU B 6 1.00 -27.61 -22.96
N ILE B 7 1.43 -28.18 -24.08
CA ILE B 7 2.49 -29.20 -24.10
C ILE B 7 3.80 -28.53 -24.50
N SER B 8 4.85 -28.79 -23.73
CA SER B 8 6.15 -28.21 -23.98
C SER B 8 6.90 -29.04 -25.01
N SER B 9 8.18 -28.72 -25.21
CA SER B 9 8.99 -29.47 -26.17
C SER B 9 9.33 -30.85 -25.64
N ASP B 10 9.69 -30.95 -24.36
CA ASP B 10 10.09 -32.20 -23.75
C ASP B 10 8.92 -32.96 -23.14
N GLY B 11 7.70 -32.75 -23.62
CA GLY B 11 6.57 -33.56 -23.23
C GLY B 11 5.89 -33.17 -21.92
N HIS B 12 6.28 -32.06 -21.30
CA HIS B 12 5.61 -31.65 -20.07
C HIS B 12 4.26 -31.03 -20.39
N GLU B 13 3.22 -31.54 -19.74
CA GLU B 13 1.85 -31.08 -19.98
C GLU B 13 1.44 -30.07 -18.90
N PHE B 14 0.78 -29.00 -19.33
CA PHE B 14 0.38 -27.91 -18.46
C PHE B 14 -1.11 -27.66 -18.63
N ILE B 15 -1.90 -28.03 -17.63
CA ILE B 15 -3.33 -27.74 -17.61
C ILE B 15 -3.52 -26.39 -16.95
N VAL B 16 -3.97 -25.40 -17.71
CA VAL B 16 -4.17 -24.05 -17.23
C VAL B 16 -5.57 -23.59 -17.64
N LYS B 17 -6.16 -22.72 -16.84
CA LYS B 17 -7.49 -22.20 -17.15
C LYS B 17 -7.48 -21.55 -18.54
N ARG B 18 -8.51 -21.87 -19.33
CA ARG B 18 -8.55 -21.39 -20.71
C ARG B 18 -8.49 -19.87 -20.77
N GLU B 19 -9.26 -19.19 -19.92
CA GLU B 19 -9.22 -17.73 -19.87
C GLU B 19 -7.82 -17.22 -19.58
N HIS B 20 -7.02 -17.97 -18.82
CA HIS B 20 -5.65 -17.54 -18.53
C HIS B 20 -4.75 -17.71 -19.74
N ALA B 21 -4.94 -18.77 -20.52
CA ALA B 21 -4.08 -19.00 -21.68
C ALA B 21 -4.30 -17.96 -22.77
N LEU B 22 -5.54 -17.46 -22.90
CA LEU B 22 -5.86 -16.49 -23.94
C LEU B 22 -5.19 -15.14 -23.75
N THR B 23 -4.56 -14.89 -22.60
CA THR B 23 -3.85 -13.63 -22.40
C THR B 23 -2.79 -13.40 -23.48
N SER B 24 -2.32 -14.46 -24.11
CA SER B 24 -1.36 -14.39 -25.21
C SER B 24 -2.09 -14.36 -26.55
N GLY B 25 -1.78 -13.36 -27.37
CA GLY B 25 -2.42 -13.25 -28.67
C GLY B 25 -2.23 -14.47 -29.54
N THR B 26 -1.09 -15.15 -29.41
CA THR B 26 -0.85 -16.34 -30.24
C THR B 26 -1.76 -17.49 -29.84
N ILE B 27 -1.82 -17.81 -28.54
CA ILE B 27 -2.70 -18.88 -28.08
C ILE B 27 -4.15 -18.52 -28.35
N LYS B 28 -4.51 -17.25 -28.17
CA LYS B 28 -5.86 -16.80 -28.49
C LYS B 28 -6.20 -17.04 -29.95
N ALA B 29 -5.23 -16.87 -30.85
CA ALA B 29 -5.47 -17.07 -32.27
C ALA B 29 -5.47 -18.54 -32.68
N MET B 30 -4.81 -19.42 -31.91
CA MET B 30 -4.77 -20.83 -32.29
C MET B 30 -6.00 -21.59 -31.81
N LEU B 31 -6.75 -21.05 -30.86
CA LEU B 31 -7.94 -21.70 -30.33
C LEU B 31 -9.22 -21.04 -30.79
N SER B 32 -9.35 -19.73 -30.59
CA SER B 32 -10.55 -18.99 -30.95
C SER B 32 -10.20 -18.06 -32.12
N GLY B 33 -10.35 -18.57 -33.34
CA GLY B 33 -10.36 -17.74 -34.51
C GLY B 33 -11.76 -17.20 -34.74
N PRO B 34 -12.05 -16.72 -35.94
CA PRO B 34 -13.42 -16.31 -36.26
C PRO B 34 -14.42 -17.46 -36.24
N GLY B 35 -13.96 -18.71 -36.35
CA GLY B 35 -14.83 -19.86 -36.25
C GLY B 35 -14.89 -20.39 -34.83
N THR B 42 -9.56 -28.42 -30.62
CA THR B 42 -9.00 -27.21 -30.03
C THR B 42 -8.94 -27.28 -28.51
N ASN B 43 -8.51 -28.42 -27.99
CA ASN B 43 -8.37 -28.59 -26.55
C ASN B 43 -6.93 -28.55 -26.07
N GLU B 44 -5.95 -28.72 -26.97
CA GLU B 44 -4.56 -28.74 -26.56
C GLU B 44 -3.69 -28.25 -27.73
N VAL B 45 -2.53 -27.71 -27.38
CA VAL B 45 -1.60 -27.14 -28.36
C VAL B 45 -0.18 -27.54 -27.98
N ASN B 46 0.60 -27.97 -28.97
CA ASN B 46 1.96 -28.43 -28.77
C ASN B 46 2.95 -27.34 -29.15
N PHE B 47 3.90 -27.06 -28.25
CA PHE B 47 4.95 -26.07 -28.49
C PHE B 47 6.26 -26.83 -28.69
N ARG B 48 6.71 -26.90 -29.94
CA ARG B 48 7.85 -27.73 -30.29
C ARG B 48 9.19 -27.13 -29.88
N GLU B 49 9.27 -25.81 -29.71
CA GLU B 49 10.54 -25.16 -29.44
C GLU B 49 10.55 -24.45 -28.09
N ILE B 50 9.63 -24.78 -27.20
CA ILE B 50 9.62 -24.18 -25.87
C ILE B 50 9.83 -25.27 -24.81
N PRO B 51 10.95 -25.24 -24.09
CA PRO B 51 11.19 -26.26 -23.07
C PRO B 51 10.28 -26.02 -21.87
N SER B 52 10.13 -27.07 -21.06
CA SER B 52 9.17 -27.03 -19.95
C SER B 52 9.54 -25.98 -18.92
N HIS B 53 10.83 -25.73 -18.70
CA HIS B 53 11.22 -24.72 -17.73
C HIS B 53 10.92 -23.30 -18.19
N VAL B 54 10.49 -23.13 -19.44
CA VAL B 54 10.06 -21.83 -19.96
C VAL B 54 8.54 -21.74 -19.99
N LEU B 55 7.88 -22.79 -20.49
CA LEU B 55 6.43 -22.79 -20.57
C LEU B 55 5.79 -22.70 -19.18
N SER B 56 6.46 -23.24 -18.17
CA SER B 56 5.97 -23.11 -16.80
C SER B 56 5.98 -21.65 -16.36
N LYS B 57 7.07 -20.94 -16.64
CA LYS B 57 7.13 -19.52 -16.31
C LYS B 57 6.08 -18.73 -17.07
N VAL B 58 5.78 -19.13 -18.31
CA VAL B 58 4.76 -18.44 -19.08
C VAL B 58 3.38 -18.65 -18.45
N CYS B 59 3.09 -19.86 -17.97
CA CYS B 59 1.82 -20.10 -17.28
C CYS B 59 1.77 -19.32 -15.98
N MET B 60 2.89 -19.23 -15.27
CA MET B 60 2.95 -18.39 -14.09
C MET B 60 2.69 -16.93 -14.43
N TYR B 61 3.15 -16.50 -15.61
CA TYR B 61 2.80 -15.16 -16.07
C TYR B 61 1.31 -15.04 -16.35
N PHE B 62 0.70 -16.09 -16.90
CA PHE B 62 -0.72 -16.06 -17.20
C PHE B 62 -1.55 -15.80 -15.94
N THR B 63 -1.40 -16.65 -14.91
CA THR B 63 -2.11 -16.43 -13.66
C THR B 63 -1.71 -15.11 -13.02
N TYR B 64 -0.46 -14.68 -13.21
CA TYR B 64 -0.02 -13.38 -12.72
C TYR B 64 -0.78 -12.26 -13.43
N LYS B 65 -0.82 -12.32 -14.77
CA LYS B 65 -1.54 -11.31 -15.55
C LYS B 65 -3.00 -11.27 -15.17
N VAL B 66 -3.64 -12.44 -15.06
CA VAL B 66 -5.08 -12.49 -14.82
C VAL B 66 -5.43 -11.96 -13.44
N ARG B 67 -4.67 -12.34 -12.42
CA ARG B 67 -5.02 -11.97 -11.05
C ARG B 67 -4.77 -10.49 -10.78
N TYR B 68 -3.57 -10.00 -11.11
CA TYR B 68 -3.16 -8.65 -10.73
C TYR B 68 -3.59 -7.59 -11.73
N THR B 69 -4.28 -7.95 -12.82
CA THR B 69 -4.88 -6.93 -13.67
C THR B 69 -5.99 -6.19 -12.93
N ASN B 70 -6.96 -6.93 -12.39
CA ASN B 70 -8.06 -6.31 -11.67
C ASN B 70 -7.65 -5.81 -10.30
N SER B 71 -6.39 -5.94 -9.92
CA SER B 71 -5.90 -5.41 -8.66
C SER B 71 -5.89 -3.88 -8.68
N SER B 72 -6.14 -3.30 -7.51
CA SER B 72 -6.32 -1.86 -7.38
C SER B 72 -5.36 -1.19 -6.42
N THR B 73 -4.80 -1.92 -5.45
CA THR B 73 -3.97 -1.32 -4.41
C THR B 73 -2.47 -1.43 -4.66
N GLU B 74 -1.99 -2.59 -5.10
CA GLU B 74 -0.54 -2.83 -5.20
C GLU B 74 -0.31 -4.07 -6.03
N ILE B 75 0.67 -3.98 -6.94
CA ILE B 75 1.04 -5.09 -7.81
C ILE B 75 2.51 -5.41 -7.56
N PRO B 76 2.88 -6.67 -7.41
CA PRO B 76 4.29 -7.03 -7.24
C PRO B 76 4.99 -7.20 -8.59
N GLU B 77 6.32 -7.15 -8.52
CA GLU B 77 7.13 -7.38 -9.71
C GLU B 77 6.99 -8.82 -10.16
N PHE B 78 7.04 -9.04 -11.48
CA PHE B 78 7.10 -10.39 -12.01
C PHE B 78 8.56 -10.78 -12.11
N PRO B 79 9.05 -11.70 -11.28
CA PRO B 79 10.48 -12.01 -11.30
C PRO B 79 10.85 -12.90 -12.47
N ILE B 80 12.01 -12.63 -13.05
CA ILE B 80 12.56 -13.42 -14.15
C ILE B 80 14.03 -13.67 -13.82
N ALA B 81 14.37 -14.93 -13.58
CA ALA B 81 15.75 -15.27 -13.27
C ALA B 81 16.64 -14.98 -14.48
N PRO B 82 17.90 -14.61 -14.25
CA PRO B 82 18.79 -14.31 -15.40
C PRO B 82 19.02 -15.49 -16.32
N GLU B 83 19.09 -16.72 -15.79
CA GLU B 83 19.37 -17.88 -16.64
C GLU B 83 18.20 -18.18 -17.58
N ILE B 84 16.98 -17.84 -17.19
CA ILE B 84 15.80 -18.08 -18.01
C ILE B 84 15.42 -16.87 -18.84
N ALA B 85 16.14 -15.76 -18.70
CA ALA B 85 15.72 -14.49 -19.28
C ALA B 85 15.57 -14.59 -20.79
N LEU B 86 16.58 -15.10 -21.47
CA LEU B 86 16.55 -15.12 -22.93
C LEU B 86 15.52 -16.12 -23.45
N GLU B 87 15.49 -17.31 -22.89
CA GLU B 87 14.52 -18.33 -23.32
C GLU B 87 13.09 -17.89 -23.08
N LEU B 88 12.85 -17.07 -22.05
CA LEU B 88 11.51 -16.55 -21.80
C LEU B 88 11.22 -15.33 -22.67
N LEU B 89 12.24 -14.57 -23.03
CA LEU B 89 12.05 -13.44 -23.94
C LEU B 89 11.66 -13.92 -25.33
N MET B 90 12.35 -14.94 -25.85
CA MET B 90 11.97 -15.52 -27.13
C MET B 90 10.53 -16.00 -27.12
N ALA B 91 10.13 -16.69 -26.04
CA ALA B 91 8.78 -17.21 -25.95
C ALA B 91 7.75 -16.09 -25.88
N ALA B 92 7.98 -15.09 -25.01
CA ALA B 92 7.03 -14.00 -24.88
C ALA B 92 6.83 -13.28 -26.20
N ASN B 93 7.92 -13.01 -26.91
CA ASN B 93 7.82 -12.42 -28.24
C ASN B 93 7.06 -13.34 -29.20
N PHE B 94 7.33 -14.64 -29.11
CA PHE B 94 6.64 -15.60 -29.97
C PHE B 94 5.17 -15.72 -29.61
N LEU B 95 4.84 -15.65 -28.32
CA LEU B 95 3.48 -15.87 -27.85
C LEU B 95 2.63 -14.60 -27.85
N ASP B 96 3.23 -13.43 -28.05
CA ASP B 96 2.50 -12.16 -28.05
C ASP B 96 1.76 -11.96 -26.73
N CYS B 97 2.54 -11.96 -25.65
CA CYS B 97 1.99 -11.72 -24.32
C CYS B 97 2.97 -10.92 -23.47
N ARG C 9 -0.79 25.54 -27.56
CA ARG C 9 -0.78 24.82 -26.30
C ARG C 9 -1.16 23.36 -26.50
N PRO C 10 -0.39 22.45 -25.90
CA PRO C 10 -0.69 21.02 -26.01
C PRO C 10 -1.78 20.61 -25.03
N VAL C 11 -2.28 19.39 -25.22
CA VAL C 11 -3.35 18.90 -24.37
C VAL C 11 -2.78 18.33 -23.06
N LEU C 12 -1.66 17.62 -23.13
CA LEU C 12 -1.03 17.10 -21.92
C LEU C 12 -0.17 18.20 -21.31
N ARG C 13 -0.83 19.07 -20.56
CA ARG C 13 -0.19 20.19 -19.88
C ARG C 13 -0.96 20.45 -18.60
N SER C 14 -0.29 21.08 -17.64
CA SER C 14 -0.97 21.49 -16.43
C SER C 14 -1.75 22.78 -16.68
N VAL C 15 -2.68 23.06 -15.78
CA VAL C 15 -3.47 24.28 -15.81
C VAL C 15 -2.96 25.20 -14.70
N ASN C 16 -2.91 26.49 -15.00
CA ASN C 16 -2.49 27.49 -14.01
C ASN C 16 -3.67 27.87 -13.13
N SER C 17 -4.06 26.92 -12.28
CA SER C 17 -5.16 27.15 -11.34
C SER C 17 -4.70 27.96 -10.13
N ARG C 18 -3.41 27.90 -9.80
CA ARG C 18 -2.85 28.58 -8.63
C ARG C 18 -3.57 28.21 -7.34
N GLU C 19 -4.32 27.10 -7.36
CA GLU C 19 -5.04 26.63 -6.18
C GLU C 19 -4.30 25.44 -5.58
N PRO C 20 -3.56 25.61 -4.49
CA PRO C 20 -2.75 24.51 -3.96
C PRO C 20 -3.59 23.34 -3.48
N SER C 21 -3.01 22.14 -3.58
CA SER C 21 -3.65 20.92 -3.13
C SER C 21 -2.59 19.99 -2.56
N GLN C 22 -2.68 19.71 -1.26
CA GLN C 22 -1.72 18.80 -0.63
C GLN C 22 -2.00 17.37 -1.11
N VAL C 23 -0.94 16.69 -1.55
CA VAL C 23 -1.04 15.36 -2.12
C VAL C 23 -0.04 14.45 -1.44
N ILE C 24 -0.37 13.16 -1.36
CA ILE C 24 0.51 12.14 -0.80
C ILE C 24 0.99 11.25 -1.93
N PHE C 25 2.29 11.34 -2.25
CA PHE C 25 2.90 10.44 -3.22
C PHE C 25 3.33 9.16 -2.52
N CYS C 26 2.75 8.03 -2.94
CA CYS C 26 2.99 6.75 -2.30
C CYS C 26 3.59 5.79 -3.32
N ASN C 27 4.85 5.40 -3.10
CA ASN C 27 5.54 4.43 -3.95
C ASN C 27 5.26 3.03 -3.43
N ARG C 28 4.27 2.36 -4.02
CA ARG C 28 4.02 0.96 -3.70
C ARG C 28 4.62 0.01 -4.73
N SER C 29 5.64 0.46 -5.47
CA SER C 29 6.39 -0.35 -6.41
C SER C 29 7.75 -0.73 -5.84
N PRO C 30 8.34 -1.83 -6.31
CA PRO C 30 9.72 -2.17 -5.91
C PRO C 30 10.78 -1.32 -6.59
N ARG C 31 10.38 -0.30 -7.34
CA ARG C 31 11.31 0.53 -8.08
C ARG C 31 11.48 1.86 -7.36
N VAL C 32 12.59 2.52 -7.65
CA VAL C 32 12.77 3.90 -7.24
C VAL C 32 12.01 4.77 -8.24
N VAL C 33 11.01 5.49 -7.76
CA VAL C 33 10.06 6.16 -8.63
C VAL C 33 10.48 7.60 -8.88
N LEU C 34 10.47 8.00 -10.14
CA LEU C 34 10.73 9.38 -10.54
C LEU C 34 9.42 10.09 -10.81
N PRO C 35 8.99 11.02 -9.98
CA PRO C 35 7.77 11.79 -10.27
C PRO C 35 8.03 12.81 -11.37
N VAL C 36 7.20 12.79 -12.39
CA VAL C 36 7.33 13.69 -13.54
C VAL C 36 6.10 14.59 -13.56
N TRP C 37 6.33 15.90 -13.50
CA TRP C 37 5.26 16.88 -13.58
C TRP C 37 5.26 17.52 -14.96
N LEU C 38 4.12 17.46 -15.63
CA LEU C 38 3.97 18.13 -16.92
C LEU C 38 3.62 19.58 -16.65
N ASN C 39 4.55 20.49 -16.95
CA ASN C 39 4.37 21.91 -16.70
C ASN C 39 3.26 22.46 -17.60
N PHE C 40 3.08 23.78 -17.54
CA PHE C 40 2.06 24.44 -18.35
C PHE C 40 2.37 24.41 -19.85
N ASP C 41 3.59 24.04 -20.24
CA ASP C 41 3.94 23.86 -21.64
C ASP C 41 3.99 22.40 -22.06
N GLY C 42 3.61 21.48 -21.18
CA GLY C 42 3.67 20.07 -21.49
C GLY C 42 5.04 19.45 -21.38
N GLU C 43 6.05 20.23 -20.99
CA GLU C 43 7.41 19.73 -20.91
C GLU C 43 7.58 18.90 -19.65
N PRO C 44 8.03 17.64 -19.75
CA PRO C 44 8.21 16.80 -18.55
C PRO C 44 9.29 17.37 -17.63
N GLN C 45 8.90 17.65 -16.39
CA GLN C 45 9.87 18.20 -15.46
C GLN C 45 10.14 17.22 -14.33
N PRO C 46 11.41 16.96 -14.01
CA PRO C 46 11.73 15.96 -12.99
C PRO C 46 11.63 16.50 -11.57
N TYR C 47 11.21 15.62 -10.67
CA TYR C 47 11.04 15.90 -9.26
C TYR C 47 11.79 14.88 -8.42
N PRO C 48 12.07 15.20 -7.14
CA PRO C 48 12.92 14.32 -6.32
C PRO C 48 12.40 12.88 -6.28
N THR C 49 13.35 11.94 -6.24
CA THR C 49 13.01 10.53 -6.37
C THR C 49 12.38 9.98 -5.10
N LEU C 50 11.59 8.93 -5.28
CA LEU C 50 10.88 8.26 -4.18
C LEU C 50 11.41 6.84 -4.05
N PRO C 51 12.14 6.50 -3.00
CA PRO C 51 12.58 5.11 -2.80
C PRO C 51 11.39 4.17 -2.71
N PRO C 52 11.59 2.88 -2.93
CA PRO C 52 10.45 1.95 -2.84
C PRO C 52 9.87 1.94 -1.44
N GLY C 53 8.54 2.00 -1.36
CA GLY C 53 7.87 2.01 -0.08
C GLY C 53 7.81 3.36 0.61
N THR C 54 8.11 4.45 -0.10
CA THR C 54 8.18 5.76 0.52
C THR C 54 6.88 6.53 0.28
N GLY C 55 6.57 7.39 1.21
CA GLY C 55 5.42 8.28 1.08
C GLY C 55 5.83 9.67 1.50
N ARG C 56 5.38 10.67 0.74
CA ARG C 56 5.70 12.05 1.02
C ARG C 56 4.45 12.90 0.88
N ARG C 57 4.22 13.79 1.83
CA ARG C 57 3.16 14.77 1.71
C ARG C 57 3.66 15.86 0.78
N ILE C 58 3.04 15.97 -0.39
CA ILE C 58 3.52 16.83 -1.46
C ILE C 58 2.58 18.00 -1.59
N HIS C 59 3.11 19.13 -2.06
CA HIS C 59 2.33 20.34 -2.29
C HIS C 59 2.23 20.55 -3.79
N SER C 60 1.04 20.29 -4.35
CA SER C 60 0.80 20.58 -5.75
C SER C 60 -0.35 21.56 -5.92
N TYR C 61 -0.94 21.60 -7.11
CA TYR C 61 -2.02 22.53 -7.39
C TYR C 61 -3.11 21.82 -8.17
N ARG C 62 -4.31 22.40 -8.15
CA ARG C 62 -5.43 21.81 -8.85
C ARG C 62 -5.19 21.84 -10.35
N GLY C 63 -5.48 20.73 -11.01
CA GLY C 63 -5.33 20.67 -12.45
C GLY C 63 -3.93 20.41 -12.95
N HIS C 64 -2.98 20.09 -12.07
CA HIS C 64 -1.61 19.83 -12.49
C HIS C 64 -1.44 18.36 -12.84
N LEU C 65 -0.78 18.11 -13.97
CA LEU C 65 -0.65 16.78 -14.53
C LEU C 65 0.65 16.12 -14.09
N TRP C 66 0.56 14.85 -13.70
CA TRP C 66 1.69 14.09 -13.19
C TRP C 66 1.72 12.70 -13.82
N LEU C 67 2.93 12.18 -13.99
CA LEU C 67 3.14 10.78 -14.29
C LEU C 67 4.39 10.33 -13.56
N PHE C 68 4.59 9.02 -13.48
CA PHE C 68 5.66 8.45 -12.65
C PHE C 68 6.36 7.34 -13.40
N ARG C 69 7.70 7.35 -13.34
N ARG C 69 7.69 7.35 -13.35
CA ARG C 69 8.52 6.39 -14.05
CA ARG C 69 8.52 6.38 -14.06
C ARG C 69 9.57 5.83 -13.11
C ARG C 69 9.57 5.83 -13.11
N ASP C 70 10.13 4.68 -13.49
CA ASP C 70 11.28 4.14 -12.79
C ASP C 70 12.45 5.09 -12.96
N ALA C 71 13.02 5.57 -11.84
CA ALA C 71 14.07 6.59 -11.91
C ALA C 71 15.30 6.12 -12.66
N GLY C 72 15.55 4.81 -12.75
CA GLY C 72 16.72 4.31 -13.42
C GLY C 72 16.51 3.96 -14.87
N THR C 73 15.39 3.28 -15.16
CA THR C 73 15.12 2.78 -16.50
C THR C 73 14.01 3.52 -17.23
N HIS C 74 13.31 4.42 -16.55
CA HIS C 74 12.19 5.19 -17.12
C HIS C 74 11.03 4.30 -17.55
N ASP C 75 10.91 3.11 -16.96
CA ASP C 75 9.76 2.26 -17.23
C ASP C 75 8.47 2.94 -16.80
N GLY C 76 7.41 2.73 -17.57
CA GLY C 76 6.12 3.32 -17.24
C GLY C 76 5.55 2.71 -15.97
N LEU C 77 4.86 3.55 -15.19
CA LEU C 77 4.20 3.11 -13.96
C LEU C 77 2.78 3.64 -13.93
N LEU C 78 2.00 3.11 -12.99
CA LEU C 78 0.63 3.51 -12.75
C LEU C 78 0.54 4.29 -11.45
N VAL C 79 -0.39 5.24 -11.41
CA VAL C 79 -0.70 5.99 -10.20
C VAL C 79 -2.22 6.01 -10.08
N ASN C 80 -2.73 5.36 -9.02
CA ASN C 80 -4.17 5.10 -8.88
C ASN C 80 -4.72 4.36 -10.09
N GLN C 81 -3.94 3.41 -10.60
CA GLN C 81 -4.31 2.53 -11.72
C GLN C 81 -4.60 3.29 -13.01
N THR C 82 -4.05 4.50 -13.15
CA THR C 82 -4.13 5.25 -14.39
C THR C 82 -2.73 5.76 -14.74
N GLU C 83 -2.53 6.04 -16.03
CA GLU C 83 -1.22 6.49 -16.50
C GLU C 83 -0.88 7.88 -15.99
N LEU C 84 -1.88 8.72 -15.74
CA LEU C 84 -1.68 10.10 -15.34
C LEU C 84 -2.46 10.38 -14.07
N PHE C 85 -2.01 11.37 -13.32
CA PHE C 85 -2.65 11.73 -12.05
C PHE C 85 -2.87 13.23 -11.99
N VAL C 86 -4.12 13.62 -11.75
CA VAL C 86 -4.50 15.01 -11.56
C VAL C 86 -5.18 15.12 -10.21
N PRO C 87 -4.67 15.93 -9.28
CA PRO C 87 -5.31 16.04 -7.97
C PRO C 87 -6.55 16.92 -8.06
N SER C 88 -7.63 16.45 -7.43
CA SER C 88 -8.78 17.33 -7.26
C SER C 88 -8.45 18.39 -6.21
N LEU C 89 -9.44 19.19 -5.85
CA LEU C 89 -9.25 20.12 -4.75
C LEU C 89 -9.56 19.43 -3.43
N ASN C 90 -8.80 19.79 -2.40
CA ASN C 90 -8.98 19.18 -1.09
C ASN C 90 -10.31 19.63 -0.48
N VAL C 91 -11.18 18.66 -0.23
CA VAL C 91 -12.45 18.93 0.44
C VAL C 91 -12.22 18.88 1.94
N ASP C 92 -12.53 20.00 2.62
CA ASP C 92 -12.31 20.14 4.05
C ASP C 92 -10.84 19.91 4.43
N GLY C 93 -9.94 20.28 3.52
CA GLY C 93 -8.51 20.23 3.76
C GLY C 93 -7.89 18.86 3.84
N GLN C 94 -8.60 17.80 3.46
CA GLN C 94 -7.94 16.50 3.55
C GLN C 94 -7.12 16.24 2.29
N PRO C 95 -5.94 15.62 2.43
CA PRO C 95 -5.07 15.40 1.28
C PRO C 95 -5.63 14.40 0.29
N ILE C 96 -5.22 14.56 -0.97
CA ILE C 96 -5.51 13.62 -2.05
C ILE C 96 -4.37 12.61 -2.12
N PHE C 97 -4.71 11.35 -2.35
CA PHE C 97 -3.74 10.26 -2.28
C PHE C 97 -3.37 9.78 -3.67
N ALA C 98 -2.07 9.70 -3.93
CA ALA C 98 -1.54 9.18 -5.19
C ALA C 98 -0.82 7.86 -4.92
N ASN C 99 -1.33 6.78 -5.49
CA ASN C 99 -0.83 5.43 -5.23
C ASN C 99 -0.04 4.95 -6.45
N ILE C 100 1.28 5.11 -6.41
CA ILE C 100 2.15 4.69 -7.50
C ILE C 100 2.39 3.19 -7.42
N THR C 101 2.02 2.47 -8.48
CA THR C 101 2.15 1.02 -8.53
C THR C 101 2.86 0.58 -9.80
N LEU C 102 3.29 -0.68 -9.79
CA LEU C 102 3.79 -1.31 -11.00
C LEU C 102 2.64 -1.63 -11.94
N PRO C 103 2.88 -1.58 -13.25
CA PRO C 103 1.89 -2.08 -14.21
C PRO C 103 1.97 -3.60 -14.32
N VAL C 104 0.90 -4.17 -14.87
CA VAL C 104 0.98 -5.56 -15.31
C VAL C 104 1.65 -5.52 -16.67
N TYR C 105 2.98 -5.51 -16.69
CA TYR C 105 3.71 -5.45 -17.93
C TYR C 105 3.44 -6.67 -18.79
N THR C 106 3.59 -6.52 -20.10
CA THR C 106 3.61 -7.68 -20.96
C THR C 106 4.82 -8.53 -20.61
N LEU C 107 4.66 -9.85 -20.75
CA LEU C 107 5.78 -10.74 -20.47
C LEU C 107 6.97 -10.39 -21.36
N LYS C 108 6.71 -9.90 -22.57
CA LYS C 108 7.79 -9.45 -23.45
C LYS C 108 8.48 -8.22 -22.88
N GLU C 109 7.70 -7.18 -22.54
CA GLU C 109 8.29 -5.95 -22.05
C GLU C 109 9.00 -6.16 -20.73
N ARG C 110 8.46 -7.02 -19.86
CA ARG C 110 9.16 -7.33 -18.62
C ARG C 110 10.46 -8.06 -18.91
N CYS C 111 10.46 -8.97 -19.88
CA CYS C 111 11.69 -9.63 -20.27
C CYS C 111 12.71 -8.64 -20.82
N LEU C 112 12.26 -7.68 -21.62
CA LEU C 112 13.16 -6.64 -22.11
C LEU C 112 13.81 -5.88 -20.96
N GLN C 113 13.02 -5.51 -19.96
CA GLN C 113 13.56 -4.79 -18.80
C GLN C 113 14.64 -5.61 -18.12
N VAL C 114 14.39 -6.90 -17.91
CA VAL C 114 15.31 -7.74 -17.15
C VAL C 114 16.64 -7.88 -17.88
N VAL C 115 16.60 -8.02 -19.21
CA VAL C 115 17.85 -8.18 -19.94
C VAL C 115 18.55 -6.84 -20.13
N ARG C 116 17.80 -5.74 -20.27
CA ARG C 116 18.42 -4.43 -20.32
C ARG C 116 19.23 -4.14 -19.06
N SER C 117 18.72 -4.57 -17.91
CA SER C 117 19.43 -4.33 -16.66
C SER C 117 20.66 -5.22 -16.53
N LEU C 118 20.66 -6.38 -17.18
CA LEU C 118 21.76 -7.31 -17.06
C LEU C 118 22.84 -7.13 -18.13
N VAL C 119 22.51 -6.54 -19.27
CA VAL C 119 23.43 -6.38 -20.38
C VAL C 119 23.56 -4.90 -20.68
N LYS C 120 24.80 -4.43 -20.83
CA LYS C 120 25.03 -3.05 -21.25
C LYS C 120 24.61 -2.88 -22.70
N PRO C 121 24.11 -1.71 -23.08
CA PRO C 121 23.58 -1.52 -24.44
C PRO C 121 24.56 -1.86 -25.55
N GLU C 122 25.87 -1.83 -25.28
CA GLU C 122 26.82 -2.19 -26.32
C GLU C 122 26.80 -3.68 -26.64
N ASN C 123 26.49 -4.53 -25.65
CA ASN C 123 26.52 -5.98 -25.84
C ASN C 123 25.17 -6.56 -26.24
N TYR C 124 24.18 -5.71 -26.56
CA TYR C 124 22.87 -6.22 -26.98
C TYR C 124 23.00 -7.15 -28.19
N ARG C 125 23.84 -6.80 -29.15
CA ARG C 125 23.98 -7.56 -30.37
C ARG C 125 24.86 -8.80 -30.21
N ARG C 126 25.18 -9.19 -28.98
CA ARG C 126 26.01 -10.36 -28.71
C ARG C 126 25.20 -11.48 -28.08
N LEU C 127 23.95 -11.63 -28.50
CA LEU C 127 23.05 -12.64 -27.94
C LEU C 127 22.42 -13.45 -29.07
N ASP C 128 22.05 -14.70 -28.73
CA ASP C 128 21.49 -15.66 -29.67
C ASP C 128 20.03 -15.41 -30.01
N ILE C 129 19.54 -14.18 -29.82
CA ILE C 129 18.13 -13.86 -30.05
C ILE C 129 17.92 -13.40 -31.49
N VAL C 130 16.66 -13.24 -31.88
CA VAL C 130 16.34 -12.79 -33.23
C VAL C 130 16.73 -11.33 -33.39
N ARG C 131 16.93 -10.92 -34.65
CA ARG C 131 17.29 -9.54 -34.95
C ARG C 131 16.19 -8.56 -34.55
N SER C 132 14.93 -8.98 -34.65
CA SER C 132 13.83 -8.10 -34.26
C SER C 132 13.91 -7.71 -32.79
N LEU C 133 14.39 -8.63 -31.94
CA LEU C 133 14.52 -8.33 -30.52
C LEU C 133 15.66 -7.36 -30.24
N TYR C 134 16.62 -7.22 -31.17
CA TYR C 134 17.67 -6.23 -30.98
C TYR C 134 17.12 -4.81 -30.94
N GLU C 135 16.34 -4.44 -31.96
CA GLU C 135 15.72 -3.11 -31.96
C GLU C 135 14.69 -2.96 -30.86
N ASP C 136 14.07 -4.07 -30.43
CA ASP C 136 13.15 -4.00 -29.30
C ASP C 136 13.90 -3.76 -27.99
N LEU C 137 15.12 -4.27 -27.88
CA LEU C 137 15.94 -3.96 -26.71
C LEU C 137 16.40 -2.51 -26.73
N GLU C 138 16.80 -2.01 -27.90
CA GLU C 138 17.30 -0.65 -28.00
C GLU C 138 16.20 0.40 -27.86
N ASP C 139 14.94 0.01 -28.07
CA ASP C 139 13.82 0.95 -27.94
C ASP C 139 13.50 1.13 -26.45
N HIS C 140 14.42 1.79 -25.76
CA HIS C 140 14.29 2.00 -24.33
C HIS C 140 13.09 2.90 -24.02
N PRO C 141 12.48 2.74 -22.85
CA PRO C 141 11.34 3.60 -22.47
C PRO C 141 11.73 5.07 -22.42
N ASN C 142 10.92 5.90 -23.08
CA ASN C 142 11.15 7.33 -23.20
C ASN C 142 9.87 8.07 -22.88
N VAL C 143 9.99 9.12 -22.06
CA VAL C 143 8.81 9.86 -21.61
C VAL C 143 8.16 10.60 -22.78
N GLN C 144 8.97 11.21 -23.65
CA GLN C 144 8.41 11.96 -24.78
C GLN C 144 7.63 11.06 -25.71
N LYS C 145 8.10 9.82 -25.90
CA LYS C 145 7.35 8.87 -26.73
C LYS C 145 6.00 8.55 -26.12
N ASP C 146 5.95 8.36 -24.80
CA ASP C 146 4.69 8.03 -24.14
C ASP C 146 3.71 9.19 -24.17
N LEU C 147 4.22 10.42 -24.05
CA LEU C 147 3.34 11.58 -24.10
C LEU C 147 2.68 11.73 -25.46
N GLU C 148 3.42 11.47 -26.54
CA GLU C 148 2.81 11.49 -27.86
C GLU C 148 1.72 10.43 -27.98
N ARG C 149 1.93 9.27 -27.35
CA ARG C 149 0.92 8.22 -27.38
C ARG C 149 -0.32 8.62 -26.58
N LEU C 150 -0.11 9.17 -25.38
CA LEU C 150 -1.24 9.52 -24.53
C LEU C 150 -2.01 10.72 -25.05
N THR C 151 -1.36 11.60 -25.83
CA THR C 151 -2.09 12.67 -26.50
C THR C 151 -3.01 12.11 -27.58
N GLN C 152 -2.46 11.25 -28.45
CA GLN C 152 -3.25 10.62 -29.50
C GLN C 152 -4.35 9.73 -28.93
N GLU C 153 -4.18 9.21 -27.71
CA GLU C 153 -5.23 8.43 -27.08
C GLU C 153 -6.35 9.28 -26.51
N ARG C 154 -6.13 10.59 -26.36
CA ARG C 154 -7.16 11.53 -25.91
C ARG C 154 -7.98 12.10 -27.05
N ILE C 155 -8.13 11.36 -28.15
CA ILE C 155 -8.88 11.87 -29.31
C ILE C 155 -10.37 11.66 -29.09
N ALA C 156 -10.78 11.58 -27.83
CA ALA C 156 -12.18 11.45 -27.47
C ALA C 156 -12.79 12.80 -27.15
N MET D 2 40.13 27.21 3.83
CA MET D 2 38.96 27.62 4.59
C MET D 2 37.68 27.33 3.83
N THR D 3 36.75 26.64 4.47
CA THR D 3 35.49 26.26 3.86
C THR D 3 34.50 27.43 3.86
N GLU D 4 33.66 27.47 2.83
CA GLU D 4 32.68 28.53 2.64
C GLU D 4 31.29 27.94 2.63
N TYR D 5 30.37 28.56 3.36
CA TYR D 5 28.99 28.08 3.49
C TYR D 5 28.05 29.09 2.86
N LYS D 6 27.33 28.67 1.83
CA LYS D 6 26.43 29.54 1.08
C LYS D 6 25.02 29.40 1.68
N LEU D 7 24.53 30.49 2.29
CA LEU D 7 23.25 30.50 2.96
C LEU D 7 22.26 31.36 2.19
N VAL D 8 20.99 30.94 2.22
CA VAL D 8 19.89 31.68 1.60
C VAL D 8 18.86 31.97 2.68
N VAL D 9 18.44 33.22 2.77
CA VAL D 9 17.40 33.63 3.70
C VAL D 9 16.10 33.75 2.93
N VAL D 10 15.05 33.11 3.45
CA VAL D 10 13.78 32.94 2.75
C VAL D 10 12.66 33.32 3.71
N GLY D 11 11.52 33.69 3.15
CA GLY D 11 10.34 33.93 3.94
C GLY D 11 9.36 34.83 3.23
N ALA D 12 8.23 35.05 3.89
CA ALA D 12 7.21 35.94 3.37
C ALA D 12 7.75 37.37 3.31
N ARG D 13 7.03 38.23 2.60
CA ARG D 13 7.48 39.60 2.41
C ARG D 13 7.42 40.35 3.74
N GLY D 14 8.51 41.05 4.07
CA GLY D 14 8.56 41.85 5.26
C GLY D 14 8.91 41.14 6.54
N VAL D 15 9.15 39.82 6.49
CA VAL D 15 9.48 39.09 7.71
C VAL D 15 10.79 39.57 8.32
N GLY D 16 11.64 40.21 7.53
CA GLY D 16 12.87 40.77 8.05
C GLY D 16 14.12 40.03 7.61
N LYS D 17 14.06 39.43 6.43
CA LYS D 17 15.21 38.69 5.91
C LYS D 17 16.42 39.60 5.75
N SER D 18 16.25 40.71 5.01
CA SER D 18 17.33 41.66 4.83
C SER D 18 17.80 42.23 6.17
N ALA D 19 16.85 42.62 7.03
CA ALA D 19 17.20 43.17 8.33
C ALA D 19 18.05 42.21 9.14
N LEU D 20 17.70 40.92 9.13
CA LEU D 20 18.48 39.93 9.85
C LEU D 20 19.91 39.84 9.33
N THR D 21 20.07 39.81 8.01
CA THR D 21 21.41 39.66 7.44
C THR D 21 22.25 40.92 7.65
N ILE D 22 21.65 42.10 7.44
CA ILE D 22 22.34 43.35 7.75
C ILE D 22 22.72 43.37 9.24
N GLN D 23 21.80 42.94 10.10
CA GLN D 23 22.11 42.85 11.52
C GLN D 23 23.24 41.86 11.78
N LEU D 24 23.32 40.80 10.96
CA LEU D 24 24.35 39.78 11.13
C LEU D 24 25.73 40.30 10.77
N ILE D 25 25.84 40.99 9.64
CA ILE D 25 27.15 41.40 9.11
C ILE D 25 27.65 42.62 9.86
N GLN D 26 26.95 43.74 9.73
CA GLN D 26 27.41 45.03 10.24
C GLN D 26 26.94 45.32 11.66
N ASN D 27 26.15 44.43 12.26
CA ASN D 27 25.59 44.66 13.59
C ASN D 27 24.80 45.97 13.61
N HIS D 28 24.02 46.19 12.56
CA HIS D 28 23.29 47.43 12.36
C HIS D 28 21.84 47.15 11.97
N PHE D 29 20.93 47.97 12.48
CA PHE D 29 19.52 47.88 12.17
C PHE D 29 19.05 49.21 11.59
N VAL D 30 18.15 49.16 10.61
CA VAL D 30 17.71 50.40 9.95
C VAL D 30 16.30 50.76 10.40
N SER D 40 26.50 42.78 -1.40
CA SER D 40 27.43 41.69 -1.05
C SER D 40 27.36 41.39 0.44
N TYR D 41 27.06 40.13 0.77
CA TYR D 41 26.87 39.67 2.15
C TYR D 41 27.86 38.56 2.45
N ARG D 42 29.04 38.92 2.96
CA ARG D 42 30.06 37.93 3.31
C ARG D 42 30.66 38.29 4.66
N LYS D 43 31.04 37.25 5.41
CA LYS D 43 31.60 37.45 6.75
C LYS D 43 32.43 36.24 7.15
N GLN D 44 33.64 36.49 7.64
CA GLN D 44 34.47 35.44 8.19
C GLN D 44 34.10 35.24 9.66
N VAL D 45 33.94 33.97 10.06
CA VAL D 45 33.45 33.64 11.40
C VAL D 45 34.01 32.28 11.80
N VAL D 46 34.15 32.08 13.11
CA VAL D 46 34.60 30.81 13.66
C VAL D 46 33.41 30.14 14.32
N ILE D 47 33.04 28.96 13.83
CA ILE D 47 31.88 28.22 14.32
C ILE D 47 32.36 26.83 14.68
N ASP D 48 32.37 26.51 15.98
CA ASP D 48 32.76 25.19 16.49
C ASP D 48 34.20 24.84 16.09
N GLY D 49 35.10 25.81 16.26
CA GLY D 49 36.51 25.58 16.06
C GLY D 49 36.98 25.55 14.62
N GLU D 50 36.06 25.63 13.66
CA GLU D 50 36.40 25.61 12.24
C GLU D 50 36.09 26.99 11.66
N THR D 51 37.14 27.71 11.28
CA THR D 51 36.95 29.02 10.68
C THR D 51 36.40 28.89 9.27
N CYS D 52 35.29 29.57 9.01
CA CYS D 52 34.61 29.48 7.73
C CYS D 52 34.24 30.87 7.23
N LEU D 53 33.59 30.92 6.08
CA LEU D 53 33.13 32.17 5.48
C LEU D 53 31.66 32.02 5.12
N LEU D 54 30.82 32.86 5.72
CA LEU D 54 29.39 32.86 5.41
C LEU D 54 29.12 33.77 4.23
N ASP D 55 28.33 33.28 3.28
CA ASP D 55 27.94 34.06 2.11
C ASP D 55 26.43 33.96 1.96
N ILE D 56 25.73 35.05 2.24
CA ILE D 56 24.28 35.07 2.11
C ILE D 56 23.93 35.27 0.64
N LEU D 57 23.15 34.35 0.08
CA LEU D 57 22.89 34.35 -1.36
C LEU D 57 21.73 35.26 -1.74
N ASP D 58 20.67 35.32 -0.92
CA ASP D 58 19.52 36.12 -1.30
C ASP D 58 18.71 36.47 -0.06
N THR D 59 18.25 37.72 0.00
CA THR D 59 17.31 38.17 1.03
C THR D 59 16.02 38.74 0.44
N ALA D 60 15.85 38.65 -0.87
CA ALA D 60 14.68 39.21 -1.55
C ALA D 60 13.55 38.18 -1.58
N GLY D 61 12.37 38.60 -1.15
CA GLY D 61 11.23 37.71 -1.07
C GLY D 61 10.34 37.68 -2.28
N GLN D 62 10.66 38.40 -3.36
CA GLN D 62 9.82 38.39 -4.54
C GLN D 62 9.72 36.99 -5.11
N GLU D 63 8.62 36.73 -5.80
CA GLU D 63 8.31 35.40 -6.31
C GLU D 63 8.74 35.29 -7.77
N GLU D 64 9.65 34.36 -8.05
CA GLU D 64 10.23 34.20 -9.39
C GLU D 64 10.57 32.73 -9.57
N TYR D 65 9.84 32.04 -10.44
CA TYR D 65 10.12 30.64 -10.74
C TYR D 65 10.83 30.50 -12.08
N SER D 66 11.85 31.31 -12.30
CA SER D 66 12.64 31.21 -13.51
C SER D 66 13.69 30.12 -13.36
N ALA D 67 14.02 29.46 -14.48
CA ALA D 67 15.06 28.44 -14.46
C ALA D 67 16.40 28.99 -14.00
N MET D 68 16.62 30.29 -14.15
CA MET D 68 17.86 30.89 -13.69
C MET D 68 17.89 31.04 -12.16
N ARG D 69 16.77 31.47 -11.57
CA ARG D 69 16.71 31.56 -10.11
C ARG D 69 16.78 30.18 -9.47
N ASP D 70 16.10 29.19 -10.07
CA ASP D 70 16.24 27.82 -9.60
C ASP D 70 17.69 27.39 -9.60
N GLN D 71 18.39 27.58 -10.73
CA GLN D 71 19.82 27.30 -10.79
C GLN D 71 20.60 28.12 -9.78
N TYR D 72 20.08 29.26 -9.35
CA TYR D 72 20.76 30.07 -8.35
C TYR D 72 20.50 29.56 -6.94
N MET D 73 19.24 29.27 -6.61
CA MET D 73 18.91 28.70 -5.32
C MET D 73 19.53 27.31 -5.14
N ARG D 74 19.69 26.57 -6.23
CA ARG D 74 20.25 25.23 -6.16
C ARG D 74 21.68 25.24 -5.63
N THR D 75 22.40 26.35 -5.81
CA THR D 75 23.76 26.45 -5.31
C THR D 75 23.82 26.74 -3.81
N GLY D 76 22.71 27.21 -3.23
CA GLY D 76 22.70 27.48 -1.80
C GLY D 76 22.79 26.19 -1.00
N GLU D 77 23.53 26.25 0.10
CA GLU D 77 23.75 25.09 0.95
C GLU D 77 22.85 25.05 2.18
N GLY D 78 22.51 26.21 2.75
CA GLY D 78 21.60 26.26 3.86
C GLY D 78 20.52 27.29 3.64
N PHE D 79 19.40 27.11 4.33
CA PHE D 79 18.24 27.97 4.18
C PHE D 79 17.70 28.39 5.53
N LEU D 80 17.49 29.69 5.70
CA LEU D 80 16.81 30.23 6.86
C LEU D 80 15.37 30.53 6.45
N CYS D 81 14.44 29.70 6.93
CA CYS D 81 13.01 29.91 6.69
C CYS D 81 12.50 30.86 7.76
N VAL D 82 12.22 32.09 7.36
CA VAL D 82 11.90 33.17 8.30
C VAL D 82 10.42 33.53 8.16
N PHE D 83 9.77 33.71 9.29
CA PHE D 83 8.43 34.29 9.35
C PHE D 83 8.42 35.32 10.46
N ALA D 84 7.50 36.27 10.37
CA ALA D 84 7.31 37.26 11.42
C ALA D 84 6.19 36.76 12.33
N ILE D 85 6.45 36.78 13.65
CA ILE D 85 5.43 36.34 14.59
C ILE D 85 4.30 37.34 14.75
N ASN D 86 4.46 38.55 14.20
CA ASN D 86 3.39 39.52 14.14
C ASN D 86 2.47 39.30 12.95
N ASN D 87 2.76 38.30 12.10
CA ASN D 87 2.00 38.04 10.88
C ASN D 87 1.75 36.55 10.80
N THR D 88 0.48 36.15 10.84
CA THR D 88 0.14 34.73 10.86
C THR D 88 0.40 34.08 9.52
N LYS D 89 0.12 34.78 8.41
CA LYS D 89 0.26 34.14 7.10
C LYS D 89 1.72 33.91 6.74
N SER D 90 2.64 34.72 7.27
CA SER D 90 4.06 34.45 7.07
C SER D 90 4.45 33.10 7.64
N PHE D 91 3.83 32.71 8.76
CA PHE D 91 4.11 31.41 9.35
C PHE D 91 3.45 30.29 8.57
N GLU D 92 2.26 30.55 8.02
CA GLU D 92 1.56 29.52 7.25
C GLU D 92 2.26 29.20 5.94
N ASP D 93 2.87 30.20 5.30
CA ASP D 93 3.55 30.01 4.03
C ASP D 93 4.87 29.27 4.18
N ILE D 94 5.38 29.08 5.40
CA ILE D 94 6.66 28.41 5.62
C ILE D 94 6.70 27.07 4.89
N HIS D 95 5.59 26.34 4.90
CA HIS D 95 5.50 25.08 4.17
C HIS D 95 5.90 25.23 2.72
N HIS D 96 5.33 26.24 2.05
CA HIS D 96 5.59 26.43 0.62
C HIS D 96 7.06 26.71 0.35
N TYR D 97 7.66 27.62 1.13
CA TYR D 97 9.08 27.91 0.96
C TYR D 97 9.92 26.66 1.18
N ARG D 98 9.58 25.87 2.20
CA ARG D 98 10.32 24.64 2.47
C ARG D 98 10.21 23.66 1.32
N GLU D 99 9.03 23.51 0.73
CA GLU D 99 8.85 22.56 -0.36
C GLU D 99 9.60 23.01 -1.61
N GLN D 100 9.61 24.31 -1.89
CA GLN D 100 10.37 24.80 -3.04
C GLN D 100 11.85 24.55 -2.89
N ILE D 101 12.37 24.59 -1.66
CA ILE D 101 13.76 24.24 -1.41
C ILE D 101 14.01 22.78 -1.76
N LYS D 102 13.10 21.90 -1.36
CA LYS D 102 13.23 20.48 -1.71
C LYS D 102 13.25 20.29 -3.22
N ARG D 103 12.49 21.10 -3.95
CA ARG D 103 12.38 20.93 -5.39
C ARG D 103 13.70 21.28 -6.08
N VAL D 104 14.27 22.44 -5.73
CA VAL D 104 15.50 22.86 -6.41
C VAL D 104 16.67 22.00 -5.98
N LYS D 105 16.72 21.58 -4.71
CA LYS D 105 17.82 20.75 -4.25
C LYS D 105 17.67 19.28 -4.65
N ASP D 106 16.47 18.88 -5.07
CA ASP D 106 16.20 17.49 -5.49
C ASP D 106 16.57 16.50 -4.39
N SER D 107 16.11 16.79 -3.17
CA SER D 107 16.32 15.90 -2.03
C SER D 107 15.31 16.27 -0.95
N GLU D 108 14.91 15.25 -0.18
CA GLU D 108 13.95 15.49 0.89
C GLU D 108 14.59 16.08 2.13
N ASP D 109 15.88 15.83 2.34
CA ASP D 109 16.61 16.32 3.51
C ASP D 109 17.62 17.37 3.05
N VAL D 110 17.32 18.63 3.32
CA VAL D 110 18.21 19.73 2.97
C VAL D 110 18.41 20.60 4.22
N PRO D 111 19.65 21.04 4.51
CA PRO D 111 19.88 21.87 5.70
C PRO D 111 18.97 23.09 5.78
N MET D 112 18.24 23.21 6.89
CA MET D 112 17.20 24.22 7.03
C MET D 112 17.08 24.57 8.50
N VAL D 113 16.62 25.81 8.76
CA VAL D 113 16.37 26.28 10.12
C VAL D 113 15.17 27.21 10.09
N LEU D 114 14.15 26.90 10.88
CA LEU D 114 12.99 27.77 10.98
C LEU D 114 13.30 28.93 11.91
N VAL D 115 13.02 30.15 11.44
CA VAL D 115 13.38 31.37 12.16
C VAL D 115 12.11 32.19 12.36
N GLY D 116 11.85 32.56 13.60
CA GLY D 116 10.77 33.48 13.91
C GLY D 116 11.30 34.86 14.25
N ASN D 117 11.03 35.85 13.40
CA ASN D 117 11.60 37.17 13.55
C ASN D 117 10.60 38.11 14.24
N LYS D 118 11.13 39.23 14.73
CA LYS D 118 10.36 40.30 15.37
C LYS D 118 9.78 39.85 16.72
N CYS D 119 10.61 39.16 17.51
CA CYS D 119 10.19 38.78 18.86
C CYS D 119 10.21 39.95 19.82
N ASP D 120 10.76 41.10 19.41
CA ASP D 120 10.70 42.31 20.22
C ASP D 120 9.34 42.99 20.15
N LEU D 121 8.61 42.79 19.06
CA LEU D 121 7.29 43.39 18.92
C LEU D 121 6.31 42.77 19.91
N PRO D 122 5.41 43.56 20.49
CA PRO D 122 4.45 43.02 21.47
C PRO D 122 3.15 42.50 20.88
N SER D 123 3.05 42.36 19.56
CA SER D 123 1.80 41.92 18.94
C SER D 123 1.90 40.50 18.42
N ARG D 124 2.45 39.60 19.23
CA ARG D 124 2.63 38.22 18.81
C ARG D 124 1.29 37.57 18.48
N THR D 125 1.20 36.99 17.29
CA THR D 125 0.04 36.22 16.88
C THR D 125 0.34 34.74 16.68
N VAL D 126 1.60 34.38 16.45
CA VAL D 126 2.04 33.00 16.33
C VAL D 126 2.77 32.63 17.60
N ASP D 127 2.18 31.73 18.39
CA ASP D 127 2.78 31.33 19.65
C ASP D 127 4.05 30.52 19.41
N THR D 128 5.00 30.65 20.34
CA THR D 128 6.25 29.91 20.23
C THR D 128 6.02 28.40 20.23
N LYS D 129 5.02 27.94 20.97
CA LYS D 129 4.72 26.50 21.01
C LYS D 129 4.34 25.97 19.63
N GLN D 130 3.69 26.79 18.79
CA GLN D 130 3.33 26.36 17.45
C GLN D 130 4.58 26.08 16.60
N ALA D 131 5.57 26.98 16.67
CA ALA D 131 6.71 26.88 15.78
C ALA D 131 7.61 25.71 16.16
N GLN D 132 7.86 25.52 17.45
CA GLN D 132 8.65 24.37 17.89
C GLN D 132 7.98 23.06 17.50
N ASP D 133 6.65 23.02 17.51
CA ASP D 133 5.94 21.83 17.04
C ASP D 133 6.09 21.67 15.54
N LEU D 134 6.02 22.76 14.79
CA LEU D 134 6.26 22.69 13.35
C LEU D 134 7.71 22.31 13.06
N ALA D 135 8.65 22.88 13.81
CA ALA D 135 10.06 22.54 13.61
C ALA D 135 10.32 21.09 14.00
N ARG D 136 9.66 20.60 15.05
CA ARG D 136 9.85 19.22 15.45
C ARG D 136 9.32 18.26 14.40
N SER D 137 8.25 18.66 13.69
CA SER D 137 7.76 17.83 12.58
C SER D 137 8.69 17.90 11.38
N TYR D 138 9.33 19.05 11.13
CA TYR D 138 10.27 19.19 10.03
C TYR D 138 11.64 18.60 10.34
N GLY D 139 11.94 18.32 11.61
CA GLY D 139 13.25 17.80 11.97
C GLY D 139 14.36 18.81 11.86
N ILE D 140 14.05 20.10 12.01
CA ILE D 140 15.04 21.16 11.87
C ILE D 140 15.00 22.00 13.14
N PRO D 141 16.09 22.69 13.45
CA PRO D 141 16.09 23.60 14.61
C PRO D 141 15.14 24.76 14.40
N PHE D 142 14.76 25.39 15.52
CA PHE D 142 13.94 26.59 15.52
C PHE D 142 14.56 27.61 16.47
N ILE D 143 14.74 28.84 15.97
CA ILE D 143 15.34 29.91 16.74
C ILE D 143 14.49 31.16 16.57
N GLU D 144 14.17 31.81 17.70
CA GLU D 144 13.51 33.11 17.68
C GLU D 144 14.56 34.20 17.59
N THR D 145 14.33 35.17 16.70
CA THR D 145 15.31 36.20 16.41
C THR D 145 14.65 37.58 16.46
N SER D 146 15.50 38.60 16.60
CA SER D 146 15.06 40.00 16.55
C SER D 146 16.14 40.78 15.83
N ALA D 147 15.81 41.28 14.63
CA ALA D 147 16.77 42.07 13.88
C ALA D 147 17.04 43.43 14.50
N LYS D 148 16.16 43.89 15.39
CA LYS D 148 16.39 45.19 16.03
C LYS D 148 17.30 45.09 17.24
N THR D 149 17.23 43.99 17.99
CA THR D 149 17.95 43.85 19.26
C THR D 149 19.09 42.85 19.19
N ARG D 150 19.48 42.41 17.99
CA ARG D 150 20.57 41.45 17.80
C ARG D 150 20.27 40.10 18.45
N GLN D 151 19.08 39.94 19.02
CA GLN D 151 18.78 38.76 19.82
C GLN D 151 18.62 37.54 18.91
N GLY D 152 19.48 36.54 19.12
CA GLY D 152 19.39 35.28 18.39
C GLY D 152 19.94 35.30 16.97
N VAL D 153 20.33 36.46 16.43
CA VAL D 153 20.78 36.52 15.04
C VAL D 153 21.98 35.59 14.82
N ASP D 154 23.00 35.72 15.66
CA ASP D 154 24.19 34.88 15.52
C ASP D 154 23.85 33.41 15.64
N ASP D 155 23.08 33.04 16.68
CA ASP D 155 22.70 31.65 16.87
C ASP D 155 21.97 31.09 15.64
N ALA D 156 21.11 31.90 15.02
CA ALA D 156 20.29 31.40 13.92
C ALA D 156 21.12 31.02 12.71
N PHE D 157 22.10 31.85 12.34
CA PHE D 157 22.94 31.54 11.19
C PHE D 157 23.93 30.43 11.51
N TYR D 158 24.58 30.50 12.68
CA TYR D 158 25.56 29.48 13.04
C TYR D 158 24.90 28.11 13.13
N THR D 159 23.67 28.06 13.63
CA THR D 159 22.94 26.79 13.70
C THR D 159 22.75 26.20 12.31
N LEU D 160 22.39 27.05 11.33
CA LEU D 160 22.28 26.58 9.96
C LEU D 160 23.60 26.06 9.45
N VAL D 161 24.70 26.75 9.75
CA VAL D 161 26.02 26.24 9.40
C VAL D 161 26.26 24.89 10.08
N ARG D 162 25.80 24.75 11.33
CA ARG D 162 25.91 23.47 12.00
C ARG D 162 25.07 22.41 11.32
N GLU D 163 23.86 22.77 10.89
CA GLU D 163 23.01 21.82 10.17
C GLU D 163 23.55 21.49 8.79
N ILE D 164 24.39 22.35 8.22
CA ILE D 164 25.03 22.03 6.95
C ILE D 164 26.15 21.03 7.17
N ARG D 165 26.95 21.22 8.22
CA ARG D 165 28.00 20.26 8.54
C ARG D 165 27.42 18.91 8.94
N LYS D 166 26.25 18.91 9.59
CA LYS D 166 25.60 17.66 9.97
C LYS D 166 25.13 16.88 8.75
N HIS D 167 24.74 17.59 7.69
CA HIS D 167 24.19 16.92 6.52
C HIS D 167 25.26 16.25 5.66
N LYS D 168 26.53 16.61 5.84
CA LYS D 168 27.61 15.99 5.07
C LYS D 168 28.07 14.68 5.72
N GLU D 169 27.13 13.95 6.32
CA GLU D 169 27.39 12.68 6.98
C GLU D 169 28.52 12.78 8.01
N MET E 1 18.18 2.31 3.89
CA MET E 1 17.40 1.40 4.74
C MET E 1 17.93 1.40 6.16
N ASP E 2 17.05 1.66 7.12
CA ASP E 2 17.44 1.72 8.52
C ASP E 2 17.25 0.38 9.21
N VAL E 3 17.98 0.21 10.32
CA VAL E 3 17.84 -0.94 11.18
C VAL E 3 17.84 -0.47 12.62
N PHE E 4 16.97 -1.05 13.44
CA PHE E 4 16.81 -0.66 14.84
C PHE E 4 17.29 -1.80 15.73
N LEU E 5 18.18 -1.48 16.66
CA LEU E 5 18.98 -2.49 17.33
C LEU E 5 18.93 -2.34 18.84
N MET E 6 19.19 -3.46 19.51
CA MET E 6 19.34 -3.53 20.96
C MET E 6 20.74 -4.10 21.22
N ILE E 7 21.73 -3.22 21.32
CA ILE E 7 23.08 -3.66 21.68
C ILE E 7 23.10 -3.92 23.19
N ARG E 8 23.52 -5.12 23.58
CA ARG E 8 23.36 -5.58 24.96
C ARG E 8 24.66 -6.15 25.49
N ARG E 9 25.06 -5.68 26.67
CA ARG E 9 26.16 -6.24 27.43
C ARG E 9 25.80 -6.19 28.91
N HIS E 10 25.90 -7.32 29.59
CA HIS E 10 25.58 -7.44 31.02
C HIS E 10 24.14 -6.99 31.22
N LYS E 11 23.87 -6.01 32.09
CA LYS E 11 22.51 -5.53 32.33
C LYS E 11 22.24 -4.17 31.70
N THR E 12 23.10 -3.71 30.78
CA THR E 12 22.89 -2.46 30.07
C THR E 12 22.52 -2.75 28.62
N THR E 13 21.52 -2.04 28.12
CA THR E 13 21.02 -2.22 26.76
C THR E 13 20.71 -0.85 26.17
N ILE E 14 21.24 -0.58 24.96
CA ILE E 14 21.06 0.71 24.30
C ILE E 14 20.14 0.53 23.10
N PHE E 15 19.11 1.37 23.01
CA PHE E 15 18.20 1.40 21.87
C PHE E 15 18.65 2.50 20.92
N THR E 16 19.27 2.09 19.82
CA THR E 16 19.72 3.03 18.80
C THR E 16 19.40 2.45 17.43
N ASP E 17 19.64 3.27 16.41
CA ASP E 17 19.35 2.90 15.03
C ASP E 17 20.54 3.24 14.15
N ALA E 18 20.58 2.59 13.00
CA ALA E 18 21.61 2.85 12.00
C ALA E 18 21.08 2.37 10.65
N LYS E 19 21.81 2.71 9.60
CA LYS E 19 21.41 2.33 8.26
C LYS E 19 21.92 0.93 7.94
N GLU E 20 21.17 0.23 7.08
CA GLU E 20 21.60 -1.08 6.61
C GLU E 20 22.97 -1.01 5.95
N SER E 21 23.27 0.10 5.28
CA SER E 21 24.56 0.29 4.61
C SER E 21 25.69 0.63 5.58
N SER E 22 25.39 0.90 6.84
CA SER E 22 26.43 1.26 7.80
C SER E 22 27.21 0.02 8.23
N THR E 23 28.48 0.23 8.57
CA THR E 23 29.39 -0.85 8.89
C THR E 23 29.44 -1.12 10.39
N VAL E 24 30.02 -2.28 10.73
CA VAL E 24 30.14 -2.67 12.14
C VAL E 24 31.05 -1.71 12.89
N PHE E 25 32.10 -1.23 12.22
CA PHE E 25 33.02 -0.29 12.85
C PHE E 25 32.31 1.02 13.20
N GLU E 26 31.40 1.48 12.33
CA GLU E 26 30.65 2.70 12.61
C GLU E 26 29.74 2.54 13.82
N LEU E 27 29.19 1.35 14.03
CA LEU E 27 28.40 1.10 15.23
C LEU E 27 29.27 1.19 16.47
N LYS E 28 30.44 0.56 16.44
CA LYS E 28 31.38 0.65 17.55
C LYS E 28 31.80 2.09 17.83
N ARG E 29 31.75 2.96 16.82
CA ARG E 29 32.13 4.36 17.04
C ARG E 29 31.12 5.09 17.90
N ILE E 30 29.82 4.84 17.71
CA ILE E 30 28.82 5.49 18.54
C ILE E 30 28.75 4.85 19.93
N VAL E 31 28.95 3.54 20.04
CA VAL E 31 29.01 2.95 21.38
C VAL E 31 30.17 3.55 22.16
N GLU E 32 31.23 3.97 21.45
CA GLU E 32 32.28 4.74 22.09
C GLU E 32 31.78 6.13 22.48
N GLY E 33 30.89 6.71 21.66
CA GLY E 33 30.30 7.99 21.97
C GLY E 33 29.24 7.94 23.06
N ILE E 34 28.80 6.75 23.45
CA ILE E 34 27.80 6.56 24.49
C ILE E 34 28.42 5.98 25.75
N LEU E 35 29.13 4.87 25.62
CA LEU E 35 29.67 4.14 26.76
C LEU E 35 31.09 4.54 27.12
N LYS E 36 31.71 5.46 26.36
CA LYS E 36 33.05 5.97 26.65
C LYS E 36 34.05 4.81 26.81
N ARG E 37 33.90 3.80 25.96
CA ARG E 37 34.78 2.65 25.89
C ARG E 37 35.43 2.59 24.52
N PRO E 38 36.71 2.27 24.43
CA PRO E 38 37.40 2.32 23.14
C PRO E 38 36.74 1.42 22.12
N PRO E 39 36.49 1.94 20.91
CA PRO E 39 35.87 1.09 19.88
C PRO E 39 36.76 -0.05 19.43
N ASP E 40 38.08 0.11 19.52
CA ASP E 40 38.99 -0.98 19.21
C ASP E 40 38.80 -2.15 20.16
N GLU E 41 38.46 -1.87 21.41
CA GLU E 41 38.24 -2.89 22.42
C GLU E 41 36.82 -3.44 22.41
N GLN E 42 36.04 -3.11 21.38
CA GLN E 42 34.65 -3.54 21.30
C GLN E 42 34.58 -4.76 20.37
N ARG E 43 33.71 -5.70 20.72
CA ARG E 43 33.47 -6.90 19.94
C ARG E 43 31.97 -7.11 19.82
N LEU E 44 31.45 -6.94 18.61
CA LEU E 44 30.02 -7.02 18.34
C LEU E 44 29.65 -8.41 17.85
N TYR E 45 28.51 -8.91 18.30
CA TYR E 45 28.06 -10.26 17.99
C TYR E 45 26.62 -10.24 17.48
N LYS E 46 26.39 -10.95 16.37
CA LYS E 46 25.06 -11.33 15.94
C LYS E 46 24.78 -12.74 16.47
N ASP E 47 23.77 -12.86 17.33
CA ASP E 47 23.52 -14.08 18.11
C ASP E 47 24.82 -14.59 18.71
N ASP E 48 25.43 -15.62 18.11
CA ASP E 48 26.66 -16.18 18.62
C ASP E 48 27.88 -15.87 17.77
N GLN E 49 27.69 -15.38 16.54
CA GLN E 49 28.80 -15.14 15.63
C GLN E 49 29.37 -13.74 15.84
N LEU E 50 30.69 -13.65 15.82
CA LEU E 50 31.37 -12.36 15.94
C LEU E 50 31.21 -11.56 14.64
N LEU E 51 31.08 -10.24 14.80
CA LEU E 51 30.92 -9.36 13.65
C LEU E 51 32.27 -8.79 13.26
N ASP E 52 32.64 -8.97 12.00
CA ASP E 52 33.92 -8.48 11.49
C ASP E 52 33.81 -7.00 11.17
N ASP E 53 34.76 -6.20 11.66
CA ASP E 53 34.76 -4.78 11.37
C ASP E 53 34.93 -4.57 9.88
N GLY E 54 34.09 -3.71 9.31
CA GLY E 54 34.04 -3.50 7.88
C GLY E 54 32.85 -4.14 7.21
N LYS E 55 32.26 -5.17 7.83
CA LYS E 55 31.07 -5.80 7.29
C LYS E 55 29.87 -4.91 7.57
N THR E 56 29.04 -4.69 6.56
CA THR E 56 27.84 -3.89 6.76
C THR E 56 26.85 -4.65 7.63
N LEU E 57 25.89 -3.90 8.18
CA LEU E 57 24.84 -4.54 8.97
C LEU E 57 24.07 -5.54 8.12
N GLY E 58 23.77 -5.17 6.88
CA GLY E 58 23.07 -6.07 5.98
C GLY E 58 23.85 -7.32 5.65
N GLU E 59 25.18 -7.20 5.51
CA GLU E 59 25.99 -8.36 5.19
C GLU E 59 25.97 -9.38 6.33
N CYS E 60 25.85 -8.93 7.57
CA CYS E 60 25.73 -9.81 8.72
C CYS E 60 24.30 -10.28 8.94
N GLY E 61 23.35 -9.75 8.20
CA GLY E 61 21.94 -10.01 8.41
C GLY E 61 21.21 -8.73 8.75
N PHE E 62 20.39 -8.75 9.79
CA PHE E 62 19.69 -7.57 10.29
C PHE E 62 19.07 -6.73 9.17
N THR E 63 17.98 -7.22 8.58
CA THR E 63 17.24 -6.46 7.58
C THR E 63 16.18 -5.59 8.26
N SER E 64 15.60 -4.68 7.47
CA SER E 64 14.51 -3.87 7.98
C SER E 64 13.31 -4.72 8.37
N GLN E 65 13.18 -5.92 7.80
CA GLN E 65 12.13 -6.84 8.19
C GLN E 65 12.47 -7.60 9.46
N THR E 66 13.73 -7.55 9.91
CA THR E 66 14.15 -8.22 11.11
C THR E 66 14.55 -7.29 12.24
N ALA E 67 14.93 -6.04 11.95
CA ALA E 67 15.30 -5.09 12.98
C ALA E 67 14.32 -3.92 12.99
N ARG E 68 13.04 -4.22 13.14
CA ARG E 68 12.00 -3.23 13.11
C ARG E 68 12.01 -2.40 14.39
N PRO E 69 11.48 -1.17 14.35
CA PRO E 69 11.48 -0.35 15.59
C PRO E 69 10.65 -0.98 16.69
N GLN E 70 9.50 -1.56 16.34
CA GLN E 70 8.64 -2.25 17.30
C GLN E 70 9.14 -3.65 17.64
N ALA E 71 10.25 -4.09 17.05
CA ALA E 71 10.81 -5.40 17.33
C ALA E 71 12.29 -5.42 16.97
N PRO E 72 13.13 -4.69 17.71
CA PRO E 72 14.53 -4.53 17.28
C PRO E 72 15.29 -5.84 17.38
N ALA E 73 16.38 -5.88 16.63
CA ALA E 73 17.29 -7.02 16.66
C ALA E 73 18.37 -6.82 17.72
N THR E 74 18.85 -7.92 18.27
CA THR E 74 19.78 -7.90 19.40
C THR E 74 21.20 -8.11 18.91
N VAL E 75 22.12 -7.26 19.39
CA VAL E 75 23.54 -7.32 19.04
C VAL E 75 24.34 -7.42 20.33
N GLY E 76 25.25 -8.40 20.40
CA GLY E 76 26.11 -8.53 21.56
C GLY E 76 27.28 -7.57 21.54
N LEU E 77 27.82 -7.31 22.74
CA LEU E 77 28.93 -6.37 22.92
C LEU E 77 29.90 -6.91 23.96
N ALA E 78 31.20 -6.82 23.66
CA ALA E 78 32.24 -7.24 24.58
C ALA E 78 33.35 -6.20 24.61
N PHE E 79 33.83 -5.90 25.82
CA PHE E 79 34.84 -4.88 26.07
C PHE E 79 36.19 -5.52 26.40
N ARG E 80 37.17 -4.67 26.64
CA ARG E 80 38.50 -5.12 27.05
C ARG E 80 39.00 -4.31 28.24
N THR E 84 42.69 -8.47 27.87
CA THR E 84 42.10 -9.31 26.84
C THR E 84 40.65 -8.95 26.57
N PHE E 85 39.96 -9.81 25.82
CA PHE E 85 38.57 -9.63 25.46
C PHE E 85 37.67 -10.49 26.35
N GLU E 86 36.58 -9.89 26.82
CA GLU E 86 35.66 -10.61 27.69
C GLU E 86 34.78 -11.55 26.89
N ALA E 87 33.99 -12.36 27.60
CA ALA E 87 33.11 -13.35 26.99
C ALA E 87 31.69 -12.82 26.79
N LEU E 88 31.56 -11.53 26.47
CA LEU E 88 30.26 -10.91 26.21
C LEU E 88 29.31 -11.07 27.39
N CYS E 89 28.43 -12.06 27.30
CA CYS E 89 27.42 -12.38 28.30
C CYS E 89 26.43 -11.24 28.46
N ILE E 90 25.16 -11.50 28.17
CA ILE E 90 24.09 -10.52 28.28
C ILE E 90 23.07 -11.09 29.25
N GLU E 91 22.94 -10.46 30.42
CA GLU E 91 22.01 -10.96 31.42
C GLU E 91 20.58 -10.77 30.94
N PRO E 92 19.78 -11.83 30.89
CA PRO E 92 18.44 -11.73 30.29
C PRO E 92 17.50 -10.85 31.12
N PHE E 93 16.46 -10.37 30.45
CA PHE E 93 15.47 -9.52 31.09
C PHE E 93 14.62 -10.33 32.06
N SER E 94 13.78 -9.63 32.81
CA SER E 94 12.92 -10.30 33.79
C SER E 94 11.88 -11.16 33.07
N SER E 95 11.19 -11.98 33.85
CA SER E 95 10.17 -12.82 33.26
C SER E 95 8.79 -12.28 33.61
N PRO E 96 7.82 -12.41 32.71
CA PRO E 96 6.48 -11.94 33.01
C PRO E 96 5.72 -12.97 33.81
N PRO E 97 4.80 -12.55 34.68
CA PRO E 97 4.00 -13.51 35.43
C PRO E 97 3.08 -14.30 34.50
N GLU E 98 2.68 -15.47 34.98
CA GLU E 98 1.74 -16.29 34.22
C GLU E 98 0.44 -15.54 33.99
N LEU E 99 -0.07 -15.62 32.76
CA LEU E 99 -1.28 -14.89 32.40
C LEU E 99 -2.44 -15.36 33.27
N PRO E 100 -3.25 -14.45 33.82
CA PRO E 100 -4.35 -14.87 34.69
C PRO E 100 -5.35 -15.74 33.95
N ASP E 101 -6.04 -16.58 34.73
CA ASP E 101 -7.03 -17.49 34.16
C ASP E 101 -8.15 -16.74 33.43
N VAL E 102 -8.36 -15.47 33.80
CA VAL E 102 -9.39 -14.64 33.18
C VAL E 102 -9.14 -14.37 31.70
N MET E 103 -7.93 -14.63 31.22
CA MET E 103 -7.59 -14.36 29.82
C MET E 103 -7.50 -15.66 29.02
N MET F 2 22.01 12.67 21.90
CA MET F 2 22.03 12.67 23.35
C MET F 2 21.07 11.62 23.89
N TYR F 3 21.52 10.89 24.92
CA TYR F 3 20.82 9.71 25.41
C TYR F 3 20.47 9.86 26.89
N VAL F 4 19.62 8.95 27.36
CA VAL F 4 19.15 8.92 28.75
C VAL F 4 19.09 7.47 29.21
N LYS F 5 19.41 7.24 30.48
CA LYS F 5 19.43 5.89 31.06
C LYS F 5 18.13 5.64 31.83
N LEU F 6 17.50 4.50 31.57
CA LEU F 6 16.30 4.08 32.28
C LEU F 6 16.59 2.76 33.00
N ILE F 7 16.51 2.79 34.32
CA ILE F 7 16.84 1.63 35.16
C ILE F 7 15.55 0.94 35.55
N SER F 8 15.51 -0.39 35.35
CA SER F 8 14.31 -1.16 35.65
C SER F 8 14.27 -1.52 37.13
N SER F 9 13.30 -2.37 37.52
CA SER F 9 13.20 -2.78 38.91
C SER F 9 14.31 -3.77 39.26
N ASP F 10 14.60 -4.72 38.38
CA ASP F 10 15.63 -5.72 38.59
C ASP F 10 17.00 -5.27 38.10
N GLY F 11 17.24 -3.96 38.07
CA GLY F 11 18.55 -3.43 37.80
C GLY F 11 18.94 -3.31 36.33
N HIS F 12 18.02 -3.56 35.41
CA HIS F 12 18.33 -3.47 34.00
C HIS F 12 18.41 -2.01 33.55
N GLU F 13 19.51 -1.65 32.90
CA GLU F 13 19.74 -0.30 32.41
C GLU F 13 19.38 -0.21 30.94
N PHE F 14 18.69 0.87 30.58
CA PHE F 14 18.21 1.08 29.22
C PHE F 14 18.68 2.45 28.72
N ILE F 15 19.62 2.45 27.78
CA ILE F 15 20.10 3.68 27.16
C ILE F 15 19.25 3.95 25.93
N VAL F 16 18.46 5.04 25.99
CA VAL F 16 17.58 5.42 24.89
C VAL F 16 17.80 6.89 24.59
N LYS F 17 17.57 7.27 23.33
CA LYS F 17 17.70 8.65 22.92
C LYS F 17 16.77 9.54 23.74
N ARG F 18 17.29 10.68 24.20
CA ARG F 18 16.51 11.56 25.08
C ARG F 18 15.22 12.00 24.40
N GLU F 19 15.29 12.39 23.13
CA GLU F 19 14.08 12.78 22.41
C GLU F 19 13.06 11.64 22.40
N HIS F 20 13.53 10.39 22.40
CA HIS F 20 12.61 9.25 22.44
C HIS F 20 11.99 9.10 23.82
N ALA F 21 12.75 9.39 24.87
CA ALA F 21 12.23 9.24 26.23
C ALA F 21 11.16 10.29 26.54
N LEU F 22 11.25 11.47 25.93
CA LEU F 22 10.30 12.53 26.19
C LEU F 22 8.89 12.19 25.72
N THR F 23 8.72 11.08 24.99
CA THR F 23 7.39 10.64 24.58
C THR F 23 6.45 10.46 25.76
N SER F 24 7.00 10.16 26.94
CA SER F 24 6.19 9.97 28.14
C SER F 24 6.09 11.30 28.88
N GLY F 25 4.85 11.74 29.13
CA GLY F 25 4.66 12.99 29.84
C GLY F 25 5.26 12.98 31.23
N THR F 26 5.23 11.83 31.90
CA THR F 26 5.81 11.74 33.24
C THR F 26 7.33 11.84 33.19
N ILE F 27 7.96 11.10 32.27
CA ILE F 27 9.41 11.16 32.13
C ILE F 27 9.84 12.57 31.74
N LYS F 28 9.10 13.19 30.82
CA LYS F 28 9.36 14.59 30.47
C LYS F 28 9.21 15.51 31.68
N ALA F 29 8.30 15.16 32.59
CA ALA F 29 8.08 15.98 33.79
C ALA F 29 9.20 15.81 34.80
N MET F 30 9.96 14.72 34.73
CA MET F 30 11.09 14.51 35.64
C MET F 30 12.36 15.22 35.18
N LEU F 31 12.41 15.67 33.93
CA LEU F 31 13.60 16.34 33.40
C LEU F 31 13.36 17.84 33.27
N THR F 42 20.07 14.84 35.77
CA THR F 42 18.81 14.42 35.18
C THR F 42 19.06 13.61 33.92
N ASN F 43 20.03 12.69 34.00
CA ASN F 43 20.39 11.81 32.89
C ASN F 43 19.87 10.39 33.06
N GLU F 44 19.36 10.03 34.23
CA GLU F 44 18.92 8.66 34.47
C GLU F 44 17.73 8.67 35.42
N VAL F 45 16.90 7.63 35.29
CA VAL F 45 15.67 7.49 36.07
C VAL F 45 15.51 6.02 36.45
N ASN F 46 15.24 5.75 37.73
CA ASN F 46 15.05 4.40 38.26
C ASN F 46 13.57 4.14 38.52
N PHE F 47 13.05 3.04 37.97
CA PHE F 47 11.66 2.62 38.16
C PHE F 47 11.65 1.41 39.07
N ARG F 48 11.21 1.60 40.32
CA ARG F 48 11.36 0.56 41.33
C ARG F 48 10.36 -0.58 41.15
N GLU F 49 9.20 -0.31 40.54
CA GLU F 49 8.17 -1.33 40.39
C GLU F 49 7.79 -1.59 38.93
N ILE F 50 8.67 -1.28 37.99
CA ILE F 50 8.46 -1.60 36.59
C ILE F 50 9.51 -2.63 36.18
N PRO F 51 9.12 -3.87 35.90
CA PRO F 51 10.09 -4.91 35.56
C PRO F 51 10.72 -4.70 34.20
N SER F 52 11.88 -5.33 34.01
CA SER F 52 12.66 -5.15 32.79
C SER F 52 11.91 -5.68 31.57
N HIS F 53 11.12 -6.74 31.75
CA HIS F 53 10.36 -7.25 30.61
C HIS F 53 9.25 -6.30 30.19
N VAL F 54 8.98 -5.26 30.96
CA VAL F 54 8.04 -4.21 30.59
C VAL F 54 8.75 -2.96 30.11
N LEU F 55 9.80 -2.53 30.82
CA LEU F 55 10.52 -1.34 30.41
C LEU F 55 11.18 -1.51 29.05
N SER F 56 11.58 -2.73 28.70
CA SER F 56 12.12 -2.99 27.37
C SER F 56 11.06 -2.75 26.30
N LYS F 57 9.85 -3.28 26.51
CA LYS F 57 8.77 -3.03 25.56
C LYS F 57 8.39 -1.55 25.52
N VAL F 58 8.49 -0.85 26.66
CA VAL F 58 8.17 0.57 26.67
C VAL F 58 9.17 1.34 25.82
N CYS F 59 10.45 0.97 25.89
CA CYS F 59 11.46 1.61 25.05
C CYS F 59 11.23 1.31 23.58
N MET F 60 10.80 0.08 23.26
CA MET F 60 10.50 -0.27 21.88
C MET F 60 9.36 0.60 21.34
N TYR F 61 8.39 0.93 22.19
CA TYR F 61 7.31 1.82 21.75
C TYR F 61 7.83 3.21 21.45
N PHE F 62 8.79 3.69 22.25
CA PHE F 62 9.38 5.01 21.98
C PHE F 62 9.96 5.06 20.58
N THR F 63 10.87 4.13 20.26
CA THR F 63 11.43 4.07 18.91
C THR F 63 10.34 3.83 17.88
N TYR F 64 9.29 3.08 18.23
CA TYR F 64 8.17 2.89 17.33
C TYR F 64 7.40 4.18 17.09
N LYS F 65 6.96 4.84 18.18
CA LYS F 65 6.16 6.06 18.03
C LYS F 65 6.93 7.15 17.29
N VAL F 66 8.20 7.35 17.64
CA VAL F 66 8.95 8.44 17.03
C VAL F 66 9.14 8.19 15.54
N ARG F 67 9.37 6.93 15.16
CA ARG F 67 9.62 6.61 13.75
C ARG F 67 8.35 6.74 12.92
N TYR F 68 7.26 6.13 13.35
CA TYR F 68 6.05 6.08 12.55
C TYR F 68 5.13 7.26 12.77
N THR F 69 5.45 8.16 13.70
CA THR F 69 4.76 9.44 13.74
C THR F 69 5.17 10.23 12.51
N ASN F 70 4.20 10.83 11.83
CA ASN F 70 4.30 11.58 10.57
C ASN F 70 4.38 10.64 9.38
N SER F 71 4.31 9.32 9.59
CA SER F 71 4.25 8.40 8.47
C SER F 71 2.89 8.53 7.79
N SER F 72 2.88 8.37 6.46
CA SER F 72 1.68 8.68 5.68
C SER F 72 1.14 7.52 4.85
N THR F 73 1.96 6.53 4.49
CA THR F 73 1.50 5.47 3.61
C THR F 73 1.02 4.24 4.38
N GLU F 74 1.80 3.80 5.38
CA GLU F 74 1.47 2.58 6.11
C GLU F 74 2.33 2.46 7.35
N ILE F 75 1.72 2.12 8.48
CA ILE F 75 2.43 1.86 9.72
C ILE F 75 2.05 0.45 10.19
N PRO F 76 2.99 -0.32 10.70
CA PRO F 76 2.64 -1.67 11.19
C PRO F 76 2.06 -1.61 12.60
N GLU F 77 1.39 -2.70 12.95
CA GLU F 77 0.87 -2.82 14.30
C GLU F 77 1.99 -2.94 15.30
N PHE F 78 1.75 -2.39 16.50
CA PHE F 78 2.69 -2.54 17.60
C PHE F 78 2.35 -3.81 18.37
N PRO F 79 3.18 -4.84 18.34
CA PRO F 79 2.81 -6.11 18.98
C PRO F 79 2.94 -6.07 20.49
N ILE F 80 1.98 -6.69 21.17
CA ILE F 80 2.00 -6.81 22.62
C ILE F 80 1.63 -8.25 22.96
N ALA F 81 2.58 -9.01 23.50
CA ALA F 81 2.30 -10.37 23.90
C ALA F 81 1.32 -10.39 25.07
N PRO F 82 0.47 -11.42 25.15
CA PRO F 82 -0.51 -11.47 26.24
C PRO F 82 0.12 -11.52 27.63
N GLU F 83 1.27 -12.17 27.78
CA GLU F 83 1.88 -12.28 29.11
C GLU F 83 2.36 -10.94 29.63
N ILE F 84 2.72 -10.01 28.73
CA ILE F 84 3.21 -8.70 29.13
C ILE F 84 2.11 -7.64 29.14
N ALA F 85 0.88 -8.02 28.77
CA ALA F 85 -0.16 -7.02 28.51
C ALA F 85 -0.47 -6.19 29.76
N LEU F 86 -0.78 -6.85 30.88
CA LEU F 86 -1.22 -6.11 32.06
C LEU F 86 -0.08 -5.34 32.69
N GLU F 87 1.09 -5.97 32.86
CA GLU F 87 2.22 -5.26 33.45
C GLU F 87 2.63 -4.06 32.60
N LEU F 88 2.42 -4.15 31.28
CA LEU F 88 2.66 -3.01 30.39
C LEU F 88 1.47 -2.07 30.35
N LEU F 89 0.26 -2.57 30.55
CA LEU F 89 -0.92 -1.70 30.59
C LEU F 89 -0.86 -0.77 31.78
N MET F 90 -0.56 -1.31 32.96
CA MET F 90 -0.37 -0.46 34.13
C MET F 90 0.77 0.54 33.90
N ALA F 91 1.87 0.08 33.31
CA ALA F 91 3.02 0.95 33.11
C ALA F 91 2.68 2.11 32.17
N ALA F 92 2.00 1.82 31.06
CA ALA F 92 1.65 2.88 30.10
C ALA F 92 0.82 3.97 30.75
N ASN F 93 -0.19 3.59 31.53
CA ASN F 93 -0.99 4.57 32.25
C ASN F 93 -0.13 5.39 33.21
N PHE F 94 0.84 4.73 33.86
CA PHE F 94 1.73 5.43 34.77
C PHE F 94 2.65 6.39 34.05
N LEU F 95 3.06 6.04 32.83
CA LEU F 95 4.00 6.85 32.07
C LEU F 95 3.33 7.97 31.29
N ASP F 96 2.00 7.96 31.18
CA ASP F 96 1.24 8.97 30.44
C ASP F 96 1.71 9.03 28.98
N CYS F 97 1.62 7.88 28.32
CA CYS F 97 1.99 7.78 26.91
C CYS F 97 1.09 6.77 26.21
N ARG G 9 -30.88 19.72 10.79
CA ARG G 9 -29.86 19.01 10.03
C ARG G 9 -28.52 19.01 10.77
N PRO G 10 -27.89 17.84 10.86
CA PRO G 10 -26.59 17.76 11.52
C PRO G 10 -25.48 18.21 10.59
N VAL G 11 -24.30 18.45 11.18
CA VAL G 11 -23.16 18.94 10.43
C VAL G 11 -22.39 17.81 9.77
N LEU G 12 -22.19 16.69 10.48
CA LEU G 12 -21.48 15.54 9.93
C LEU G 12 -22.48 14.67 9.18
N ARG G 13 -22.71 15.01 7.91
CA ARG G 13 -23.66 14.29 7.08
C ARG G 13 -23.17 14.29 5.65
N SER G 14 -23.64 13.32 4.88
CA SER G 14 -23.35 13.30 3.45
C SER G 14 -24.27 14.25 2.71
N VAL G 15 -23.86 14.61 1.49
CA VAL G 15 -24.63 15.48 0.61
C VAL G 15 -25.20 14.62 -0.52
N ASN G 16 -26.47 14.85 -0.84
CA ASN G 16 -27.11 14.11 -1.93
C ASN G 16 -26.82 14.84 -3.25
N SER G 17 -25.56 14.75 -3.67
CA SER G 17 -25.16 15.35 -4.93
C SER G 17 -25.59 14.51 -6.13
N ARG G 18 -25.81 13.21 -5.93
CA ARG G 18 -26.19 12.28 -7.00
C ARG G 18 -25.19 12.33 -8.16
N GLU G 19 -23.98 12.81 -7.86
CA GLU G 19 -22.87 12.88 -8.79
C GLU G 19 -21.92 11.73 -8.46
N PRO G 20 -21.92 10.64 -9.21
CA PRO G 20 -21.11 9.46 -8.83
C PRO G 20 -19.63 9.78 -8.82
N SER G 21 -18.91 9.09 -7.93
CA SER G 21 -17.46 9.27 -7.79
C SER G 21 -16.85 7.91 -7.46
N GLN G 22 -16.08 7.36 -8.39
CA GLN G 22 -15.41 6.08 -8.16
C GLN G 22 -14.23 6.26 -7.21
N VAL G 23 -14.18 5.43 -6.18
CA VAL G 23 -13.17 5.52 -5.14
C VAL G 23 -12.56 4.14 -4.93
N ILE G 24 -11.28 4.11 -4.52
CA ILE G 24 -10.58 2.88 -4.21
C ILE G 24 -10.33 2.87 -2.70
N PHE G 25 -10.99 1.96 -2.01
CA PHE G 25 -10.76 1.73 -0.58
C PHE G 25 -9.60 0.75 -0.43
N CYS G 26 -8.52 1.19 0.22
CA CYS G 26 -7.31 0.38 0.37
C CYS G 26 -7.04 0.14 1.84
N ASN G 27 -7.10 -1.13 2.27
CA ASN G 27 -6.82 -1.50 3.65
C ASN G 27 -5.33 -1.78 3.77
N ARG G 28 -4.57 -0.76 4.18
CA ARG G 28 -3.17 -0.92 4.55
C ARG G 28 -3.00 -1.06 6.06
N SER G 29 -4.01 -1.44 6.73
CA SER G 29 -3.97 -1.76 8.13
C SER G 29 -3.94 -3.28 8.30
N PRO G 30 -3.36 -3.78 9.39
CA PRO G 30 -3.42 -5.22 9.66
C PRO G 30 -4.77 -5.68 10.20
N ARG G 31 -5.76 -4.79 10.21
CA ARG G 31 -7.09 -5.03 10.75
C ARG G 31 -8.09 -5.22 9.62
N VAL G 32 -9.24 -5.81 9.98
CA VAL G 32 -10.40 -5.84 9.09
C VAL G 32 -11.15 -4.53 9.22
N VAL G 33 -11.29 -3.81 8.12
CA VAL G 33 -11.82 -2.45 8.14
C VAL G 33 -13.32 -2.49 7.87
N LEU G 34 -14.09 -1.76 8.70
CA LEU G 34 -15.51 -1.61 8.45
C LEU G 34 -15.76 -0.25 7.81
N PRO G 35 -16.10 -0.18 6.54
CA PRO G 35 -16.42 1.11 5.93
C PRO G 35 -17.76 1.62 6.45
N VAL G 36 -17.74 2.84 6.98
CA VAL G 36 -18.92 3.46 7.57
C VAL G 36 -19.26 4.69 6.75
N TRP G 37 -20.46 4.72 6.19
CA TRP G 37 -20.94 5.88 5.43
C TRP G 37 -21.93 6.64 6.28
N LEU G 38 -21.70 7.95 6.42
CA LEU G 38 -22.62 8.83 7.14
C LEU G 38 -23.78 9.17 6.21
N ASN G 39 -24.99 8.80 6.62
CA ASN G 39 -26.19 9.00 5.81
C ASN G 39 -26.42 10.49 5.60
N PHE G 40 -27.45 10.85 4.83
CA PHE G 40 -27.75 12.27 4.66
C PHE G 40 -28.32 12.89 5.92
N ASP G 41 -28.66 12.06 6.91
CA ASP G 41 -29.10 12.50 8.23
C ASP G 41 -28.02 12.30 9.28
N GLY G 42 -26.80 11.95 8.86
CA GLY G 42 -25.72 11.66 9.78
C GLY G 42 -25.70 10.26 10.33
N GLU G 43 -26.57 9.37 9.84
CA GLU G 43 -26.65 8.03 10.40
C GLU G 43 -25.49 7.18 9.90
N PRO G 44 -24.65 6.64 10.78
CA PRO G 44 -23.58 5.75 10.33
C PRO G 44 -24.17 4.46 9.79
N GLN G 45 -23.90 4.17 8.52
CA GLN G 45 -24.35 2.97 7.84
C GLN G 45 -23.18 2.05 7.56
N PRO G 46 -23.27 0.78 7.91
CA PRO G 46 -22.16 -0.13 7.66
C PRO G 46 -22.18 -0.61 6.21
N TYR G 47 -21.00 -0.77 5.64
CA TYR G 47 -20.82 -1.22 4.28
C TYR G 47 -19.90 -2.44 4.32
N PRO G 48 -19.89 -3.25 3.26
CA PRO G 48 -19.18 -4.54 3.35
C PRO G 48 -17.75 -4.39 3.82
N THR G 49 -17.29 -5.37 4.60
CA THR G 49 -16.02 -5.28 5.27
C THR G 49 -14.85 -5.51 4.30
N LEU G 50 -13.70 -4.97 4.67
CA LEU G 50 -12.49 -5.05 3.85
C LEU G 50 -11.42 -5.84 4.58
N PRO G 51 -11.06 -7.03 4.10
CA PRO G 51 -9.99 -7.81 4.72
C PRO G 51 -8.67 -7.06 4.69
N PRO G 52 -7.73 -7.41 5.57
CA PRO G 52 -6.44 -6.72 5.60
C PRO G 52 -5.63 -6.95 4.34
N GLY G 53 -5.05 -5.86 3.83
CA GLY G 53 -4.23 -5.91 2.64
C GLY G 53 -4.98 -5.91 1.33
N THR G 54 -6.29 -5.64 1.35
CA THR G 54 -7.14 -5.70 0.19
C THR G 54 -7.47 -4.30 -0.33
N GLY G 55 -7.78 -4.24 -1.61
CA GLY G 55 -8.26 -3.02 -2.21
C GLY G 55 -9.46 -3.31 -3.09
N ARG G 56 -10.46 -2.45 -3.00
CA ARG G 56 -11.67 -2.59 -3.79
C ARG G 56 -12.06 -1.24 -4.39
N ARG G 57 -12.37 -1.24 -5.67
CA ARG G 57 -12.91 -0.07 -6.34
C ARG G 57 -14.41 0.04 -6.07
N ILE G 58 -14.80 1.09 -5.36
CA ILE G 58 -16.17 1.26 -4.89
C ILE G 58 -16.82 2.42 -5.62
N HIS G 59 -18.16 2.40 -5.62
CA HIS G 59 -18.97 3.45 -6.24
C HIS G 59 -19.64 4.26 -5.14
N SER G 60 -19.16 5.49 -4.94
CA SER G 60 -19.81 6.42 -4.03
C SER G 60 -20.21 7.67 -4.81
N TYR G 61 -20.46 8.78 -4.12
CA TYR G 61 -20.92 10.00 -4.76
C TYR G 61 -20.18 11.18 -4.16
N ARG G 62 -20.22 12.30 -4.87
CA ARG G 62 -19.56 13.51 -4.41
C ARG G 62 -20.20 14.04 -3.13
N GLY G 63 -19.37 14.45 -2.18
CA GLY G 63 -19.84 15.02 -0.93
C GLY G 63 -20.26 14.03 0.14
N HIS G 64 -20.00 12.75 -0.07
CA HIS G 64 -20.41 11.72 0.89
C HIS G 64 -19.29 11.48 1.90
N LEU G 65 -19.67 11.45 3.18
CA LEU G 65 -18.69 11.34 4.26
C LEU G 65 -18.50 9.87 4.64
N TRP G 66 -17.25 9.49 4.82
CA TRP G 66 -16.88 8.12 5.13
C TRP G 66 -15.88 8.10 6.27
N LEU G 67 -15.99 7.08 7.11
CA LEU G 67 -14.98 6.78 8.12
C LEU G 67 -14.78 5.28 8.16
N PHE G 68 -13.69 4.85 8.80
CA PHE G 68 -13.27 3.47 8.72
C PHE G 68 -12.79 3.00 10.08
N ARG G 69 -13.36 1.91 10.56
CA ARG G 69 -13.06 1.35 11.87
C ARG G 69 -12.63 -0.10 11.73
N ASP G 70 -12.08 -0.64 12.81
CA ASP G 70 -11.85 -2.07 12.90
C ASP G 70 -13.19 -2.79 12.95
N ALA G 71 -13.40 -3.71 12.01
CA ALA G 71 -14.68 -4.38 11.93
C ALA G 71 -15.03 -5.16 13.19
N GLY G 72 -14.04 -5.54 13.98
CA GLY G 72 -14.28 -6.29 15.20
C GLY G 72 -14.36 -5.44 16.45
N THR G 73 -13.45 -4.47 16.59
CA THR G 73 -13.34 -3.69 17.81
C THR G 73 -13.79 -2.25 17.67
N HIS G 74 -14.07 -1.79 16.44
CA HIS G 74 -14.47 -0.41 16.16
C HIS G 74 -13.40 0.61 16.58
N ASP G 75 -12.15 0.18 16.66
CA ASP G 75 -11.06 1.11 16.87
C ASP G 75 -10.98 2.10 15.72
N GLY G 76 -10.62 3.33 16.03
CA GLY G 76 -10.49 4.34 14.99
C GLY G 76 -9.36 4.02 14.03
N LEU G 77 -9.57 4.32 12.76
CA LEU G 77 -8.56 4.12 11.74
C LEU G 77 -8.42 5.41 10.94
N LEU G 78 -7.34 5.49 10.16
CA LEU G 78 -7.05 6.66 9.36
C LEU G 78 -7.30 6.36 7.88
N VAL G 79 -7.76 7.38 7.16
CA VAL G 79 -7.93 7.31 5.72
C VAL G 79 -7.29 8.57 5.14
N ASN G 80 -6.19 8.39 4.39
CA ASN G 80 -5.37 9.51 3.94
C ASN G 80 -4.94 10.35 5.15
N GLN G 81 -4.63 9.66 6.25
CA GLN G 81 -4.17 10.28 7.50
C GLN G 81 -5.23 11.21 8.11
N THR G 82 -6.51 10.97 7.81
CA THR G 82 -7.60 11.72 8.42
C THR G 82 -8.64 10.74 8.93
N GLU G 83 -9.41 11.19 9.93
CA GLU G 83 -10.46 10.34 10.49
C GLU G 83 -11.61 10.18 9.51
N LEU G 84 -11.80 11.14 8.61
CA LEU G 84 -12.90 11.13 7.66
C LEU G 84 -12.38 11.30 6.24
N PHE G 85 -13.17 10.80 5.29
CA PHE G 85 -12.85 10.81 3.88
C PHE G 85 -14.05 11.30 3.08
N VAL G 86 -13.84 12.33 2.27
CA VAL G 86 -14.88 12.84 1.37
C VAL G 86 -14.32 12.84 -0.05
N PRO G 87 -14.92 12.12 -0.99
CA PRO G 87 -14.42 12.12 -2.36
C PRO G 87 -14.84 13.36 -3.14
N SER G 88 -13.87 13.92 -3.86
CA SER G 88 -14.16 14.95 -4.85
C SER G 88 -14.81 14.30 -6.07
N LEU G 89 -14.96 15.07 -7.14
CA LEU G 89 -15.38 14.51 -8.42
C LEU G 89 -14.16 14.01 -9.17
N ASN G 90 -14.35 12.93 -9.93
CA ASN G 90 -13.24 12.33 -10.68
C ASN G 90 -12.77 13.29 -11.76
N VAL G 91 -11.49 13.67 -11.71
CA VAL G 91 -10.90 14.51 -12.74
C VAL G 91 -10.44 13.61 -13.88
N ASP G 92 -11.01 13.81 -15.06
CA ASP G 92 -10.69 13.01 -16.25
C ASP G 92 -10.87 11.52 -16.01
N GLY G 93 -11.86 11.14 -15.20
CA GLY G 93 -12.15 9.74 -14.98
C GLY G 93 -11.16 8.99 -14.10
N GLN G 94 -10.27 9.69 -13.41
CA GLN G 94 -9.33 8.96 -12.57
C GLN G 94 -9.99 8.60 -11.24
N PRO G 95 -9.73 7.41 -10.71
CA PRO G 95 -10.33 7.05 -9.43
C PRO G 95 -9.71 7.87 -8.31
N ILE G 96 -10.50 8.13 -7.29
CA ILE G 96 -9.99 8.79 -6.10
C ILE G 96 -9.59 7.71 -5.12
N PHE G 97 -8.44 7.88 -4.47
CA PHE G 97 -7.83 6.84 -3.67
C PHE G 97 -8.01 7.14 -2.19
N ALA G 98 -8.57 6.17 -1.46
CA ALA G 98 -8.74 6.24 -0.01
C ALA G 98 -7.82 5.20 0.62
N ASN G 99 -6.86 5.67 1.41
CA ASN G 99 -5.80 4.84 1.96
C ASN G 99 -6.09 4.61 3.44
N ILE G 100 -6.67 3.46 3.76
CA ILE G 100 -7.02 3.13 5.14
C ILE G 100 -5.74 2.68 5.84
N THR G 101 -5.35 3.39 6.89
CA THR G 101 -4.14 3.06 7.61
C THR G 101 -4.41 2.93 9.11
N LEU G 102 -3.48 2.28 9.78
CA LEU G 102 -3.51 2.24 11.23
C LEU G 102 -3.07 3.60 11.78
N PRO G 103 -3.65 4.04 12.88
CA PRO G 103 -3.09 5.20 13.58
C PRO G 103 -1.94 4.78 14.49
N VAL G 104 -1.11 5.76 14.83
CA VAL G 104 -0.11 5.55 15.88
C VAL G 104 -0.80 5.74 17.22
N TYR G 105 -1.41 4.68 17.73
CA TYR G 105 -2.12 4.76 19.00
C TYR G 105 -1.16 5.07 20.13
N THR G 106 -1.67 5.72 21.17
CA THR G 106 -0.92 5.85 22.40
C THR G 106 -0.71 4.47 23.00
N LEU G 107 0.43 4.29 23.69
CA LEU G 107 0.71 3.01 24.33
C LEU G 107 -0.38 2.62 25.31
N LYS G 108 -1.02 3.60 25.94
CA LYS G 108 -2.12 3.29 26.85
C LYS G 108 -3.33 2.73 26.10
N GLU G 109 -3.79 3.44 25.07
CA GLU G 109 -4.95 2.97 24.31
C GLU G 109 -4.64 1.67 23.56
N ARG G 110 -3.40 1.50 23.08
CA ARG G 110 -3.03 0.26 22.43
C ARG G 110 -3.03 -0.91 23.41
N CYS G 111 -2.51 -0.70 24.62
CA CYS G 111 -2.57 -1.76 25.63
C CYS G 111 -4.01 -2.10 25.98
N LEU G 112 -4.88 -1.09 26.01
CA LEU G 112 -6.31 -1.36 26.22
C LEU G 112 -6.84 -2.31 25.16
N GLN G 113 -6.50 -2.06 23.89
CA GLN G 113 -6.96 -2.92 22.81
C GLN G 113 -6.53 -4.37 23.03
N VAL G 114 -5.26 -4.58 23.40
CA VAL G 114 -4.75 -5.94 23.53
C VAL G 114 -5.44 -6.69 24.66
N VAL G 115 -5.71 -6.01 25.78
CA VAL G 115 -6.34 -6.69 26.90
C VAL G 115 -7.85 -6.84 26.68
N ARG G 116 -8.49 -5.88 25.99
CA ARG G 116 -9.91 -6.00 25.69
C ARG G 116 -10.21 -7.25 24.89
N SER G 117 -9.31 -7.60 23.96
CA SER G 117 -9.52 -8.79 23.14
C SER G 117 -9.33 -10.07 23.93
N LEU G 118 -8.54 -10.02 25.01
CA LEU G 118 -8.24 -11.19 25.81
C LEU G 118 -9.21 -11.39 26.97
N VAL G 119 -9.89 -10.33 27.41
CA VAL G 119 -10.75 -10.36 28.58
C VAL G 119 -12.18 -10.01 28.14
N LYS G 120 -13.14 -10.80 28.62
CA LYS G 120 -14.54 -10.48 28.39
C LYS G 120 -14.93 -9.24 29.21
N PRO G 121 -15.82 -8.41 28.68
CA PRO G 121 -16.13 -7.13 29.35
C PRO G 121 -16.64 -7.28 30.79
N GLU G 122 -17.26 -8.42 31.13
CA GLU G 122 -17.72 -8.60 32.49
C GLU G 122 -16.56 -8.78 33.46
N ASN G 123 -15.45 -9.33 32.97
CA ASN G 123 -14.29 -9.66 33.79
C ASN G 123 -13.26 -8.54 33.85
N TYR G 124 -13.59 -7.35 33.34
CA TYR G 124 -12.64 -6.24 33.41
C TYR G 124 -12.23 -5.96 34.85
N ARG G 125 -13.18 -6.05 35.77
CA ARG G 125 -12.96 -5.72 37.18
C ARG G 125 -12.27 -6.85 37.95
N ARG G 126 -11.77 -7.87 37.26
CA ARG G 126 -11.10 -9.00 37.89
C ARG G 126 -9.61 -9.03 37.57
N LEU G 127 -8.99 -7.86 37.44
CA LEU G 127 -7.58 -7.74 37.08
C LEU G 127 -6.88 -6.82 38.08
N ASP G 128 -5.57 -7.03 38.24
CA ASP G 128 -4.78 -6.30 39.23
C ASP G 128 -4.47 -4.86 38.81
N ILE G 129 -5.23 -4.28 37.90
CA ILE G 129 -4.98 -2.92 37.43
C ILE G 129 -5.71 -1.94 38.33
N VAL G 130 -5.40 -0.64 38.21
CA VAL G 130 -6.09 0.36 39.02
C VAL G 130 -7.52 0.52 38.54
N ARG G 131 -8.35 1.11 39.42
CA ARG G 131 -9.74 1.35 39.08
C ARG G 131 -9.86 2.31 37.90
N SER G 132 -8.90 3.24 37.76
CA SER G 132 -8.93 4.14 36.60
C SER G 132 -8.85 3.36 35.30
N LEU G 133 -8.08 2.26 35.28
CA LEU G 133 -8.00 1.43 34.09
C LEU G 133 -9.28 0.63 33.85
N TYR G 134 -10.10 0.42 34.89
CA TYR G 134 -11.39 -0.22 34.70
C TYR G 134 -12.31 0.65 33.86
N GLU G 135 -12.49 1.91 34.26
CA GLU G 135 -13.31 2.83 33.49
C GLU G 135 -12.70 3.11 32.12
N ASP G 136 -11.37 3.05 32.02
CA ASP G 136 -10.73 3.21 30.72
C ASP G 136 -10.94 1.97 29.84
N LEU G 137 -11.02 0.78 30.46
CA LEU G 137 -11.30 -0.42 29.69
C LEU G 137 -12.73 -0.43 29.17
N GLU G 138 -13.69 -0.01 30.00
CA GLU G 138 -15.08 0.02 29.58
C GLU G 138 -15.35 1.14 28.57
N ASP G 139 -14.44 2.10 28.45
CA ASP G 139 -14.57 3.19 27.48
C ASP G 139 -14.20 2.65 26.09
N HIS G 140 -15.09 1.80 25.57
CA HIS G 140 -14.86 1.19 24.28
C HIS G 140 -14.88 2.24 23.17
N PRO G 141 -14.13 2.01 22.10
CA PRO G 141 -14.23 2.93 20.96
C PRO G 141 -15.64 2.87 20.41
N ASN G 142 -16.26 4.04 20.27
CA ASN G 142 -17.63 4.13 19.80
C ASN G 142 -17.69 5.25 18.77
N VAL G 143 -18.33 4.98 17.64
CA VAL G 143 -18.35 5.94 16.55
C VAL G 143 -19.13 7.19 16.95
N GLN G 144 -20.25 7.01 17.66
CA GLN G 144 -21.06 8.15 18.05
C GLN G 144 -20.29 9.10 18.96
N LYS G 145 -19.45 8.56 19.84
CA LYS G 145 -18.59 9.43 20.64
C LYS G 145 -17.62 10.21 19.77
N ASP G 146 -17.02 9.53 18.79
CA ASP G 146 -16.07 10.19 17.89
C ASP G 146 -16.78 11.19 16.97
N LEU G 147 -18.00 10.85 16.54
CA LEU G 147 -18.76 11.78 15.70
C LEU G 147 -19.10 13.05 16.46
N GLU G 148 -19.46 12.93 17.74
CA GLU G 148 -19.70 14.10 18.57
C GLU G 148 -18.43 14.93 18.72
N ARG G 149 -17.27 14.27 18.80
CA ARG G 149 -16.01 14.99 18.92
C ARG G 149 -15.68 15.75 17.64
N LEU G 150 -15.82 15.08 16.49
CA LEU G 150 -15.46 15.70 15.22
C LEU G 150 -16.44 16.79 14.80
N THR G 151 -17.68 16.75 15.29
CA THR G 151 -18.59 17.87 15.05
C THR G 151 -18.10 19.11 15.80
N GLN G 152 -17.75 18.96 17.08
CA GLN G 152 -17.16 20.06 17.83
C GLN G 152 -15.81 20.48 17.24
N GLU G 153 -15.13 19.57 16.54
CA GLU G 153 -13.91 19.92 15.82
C GLU G 153 -14.20 20.63 14.50
N ARG G 154 -15.44 20.58 14.01
CA ARG G 154 -15.85 21.30 12.82
C ARG G 154 -16.32 22.72 13.14
N ILE G 155 -15.88 23.27 14.27
CA ILE G 155 -16.25 24.64 14.65
C ILE G 155 -15.20 25.55 14.02
N ALA G 156 -15.42 25.91 12.75
CA ALA G 156 -14.51 26.80 12.04
C ALA G 156 -15.00 28.25 12.11
N MET H 2 -35.66 -30.97 -2.17
CA MET H 2 -35.34 -30.23 -3.39
C MET H 2 -34.92 -28.80 -3.06
N THR H 3 -33.77 -28.39 -3.58
CA THR H 3 -33.25 -27.06 -3.31
C THR H 3 -33.97 -26.02 -4.15
N GLU H 4 -34.12 -24.83 -3.59
CA GLU H 4 -34.81 -23.72 -4.24
C GLU H 4 -33.84 -22.57 -4.43
N TYR H 5 -33.83 -21.99 -5.63
CA TYR H 5 -32.92 -20.91 -5.97
C TYR H 5 -33.74 -19.65 -6.23
N LYS H 6 -33.50 -18.62 -5.41
CA LYS H 6 -34.23 -17.35 -5.51
C LYS H 6 -33.41 -16.40 -6.38
N LEU H 7 -33.93 -16.07 -7.56
CA LEU H 7 -33.25 -15.23 -8.54
C LEU H 7 -33.95 -13.88 -8.65
N VAL H 8 -33.16 -12.84 -8.89
CA VAL H 8 -33.67 -11.48 -9.10
C VAL H 8 -33.15 -10.98 -10.44
N VAL H 9 -34.06 -10.47 -11.27
CA VAL H 9 -33.70 -9.88 -12.56
C VAL H 9 -33.68 -8.36 -12.41
N VAL H 10 -32.59 -7.74 -12.85
CA VAL H 10 -32.31 -6.33 -12.61
C VAL H 10 -31.90 -5.69 -13.93
N GLY H 11 -32.07 -4.37 -14.00
CA GLY H 11 -31.59 -3.63 -15.16
C GLY H 11 -32.33 -2.33 -15.33
N ALA H 12 -31.88 -1.57 -16.33
CA ALA H 12 -32.52 -0.31 -16.67
C ALA H 12 -33.95 -0.56 -17.17
N ARG H 13 -34.72 0.52 -17.23
CA ARG H 13 -36.12 0.41 -17.62
C ARG H 13 -36.25 -0.01 -19.08
N GLY H 14 -37.09 -1.00 -19.34
CA GLY H 14 -37.36 -1.46 -20.68
C GLY H 14 -36.38 -2.46 -21.25
N VAL H 15 -35.35 -2.85 -20.50
CA VAL H 15 -34.37 -3.81 -21.04
C VAL H 15 -35.01 -5.16 -21.31
N GLY H 16 -36.15 -5.46 -20.68
CA GLY H 16 -36.86 -6.69 -20.95
C GLY H 16 -36.79 -7.72 -19.85
N LYS H 17 -36.69 -7.26 -18.60
CA LYS H 17 -36.61 -8.17 -17.46
C LYS H 17 -37.85 -9.04 -17.36
N SER H 18 -39.03 -8.42 -17.31
CA SER H 18 -40.28 -9.17 -17.23
C SER H 18 -40.42 -10.10 -18.43
N ALA H 19 -40.15 -9.58 -19.63
CA ALA H 19 -40.27 -10.40 -20.83
C ALA H 19 -39.40 -11.65 -20.75
N LEU H 20 -38.17 -11.50 -20.25
CA LEU H 20 -37.27 -12.65 -20.11
C LEU H 20 -37.87 -13.70 -19.18
N THR H 21 -38.39 -13.27 -18.03
CA THR H 21 -38.91 -14.22 -17.05
C THR H 21 -40.20 -14.87 -17.53
N ILE H 22 -41.11 -14.09 -18.11
CA ILE H 22 -42.32 -14.66 -18.72
C ILE H 22 -41.92 -15.65 -19.80
N GLN H 23 -40.92 -15.30 -20.61
CA GLN H 23 -40.37 -16.22 -21.59
C GLN H 23 -39.76 -17.44 -20.94
N LEU H 24 -39.17 -17.28 -19.75
CA LEU H 24 -38.58 -18.42 -19.07
C LEU H 24 -39.63 -19.41 -18.59
N ILE H 25 -40.70 -18.91 -17.98
CA ILE H 25 -41.70 -19.77 -17.37
C ILE H 25 -42.64 -20.37 -18.42
N GLN H 26 -43.41 -19.51 -19.09
CA GLN H 26 -44.48 -19.95 -19.97
C GLN H 26 -44.06 -20.10 -21.43
N ASN H 27 -42.80 -19.83 -21.76
CA ASN H 27 -42.31 -19.90 -23.14
C ASN H 27 -43.14 -19.02 -24.08
N HIS H 28 -43.45 -17.81 -23.62
CA HIS H 28 -44.30 -16.89 -24.36
C HIS H 28 -43.67 -15.50 -24.26
N PHE H 29 -43.79 -14.71 -25.32
CA PHE H 29 -43.20 -13.38 -25.37
C PHE H 29 -44.28 -12.31 -25.37
N VAL H 30 -44.03 -11.27 -24.59
CA VAL H 30 -44.99 -10.16 -24.46
C VAL H 30 -44.39 -8.87 -25.02
N SER H 40 -46.70 -14.50 -9.82
CA SER H 40 -45.90 -15.58 -9.29
C SER H 40 -45.05 -16.22 -10.40
N TYR H 41 -43.74 -16.26 -10.18
CA TYR H 41 -42.78 -16.74 -11.16
C TYR H 41 -42.02 -17.92 -10.54
N ARG H 42 -42.55 -19.13 -10.72
CA ARG H 42 -41.90 -20.32 -10.19
C ARG H 42 -41.90 -21.41 -11.25
N LYS H 43 -40.84 -22.22 -11.25
CA LYS H 43 -40.68 -23.27 -12.25
C LYS H 43 -39.73 -24.33 -11.71
N GLN H 44 -40.14 -25.60 -11.84
CA GLN H 44 -39.28 -26.74 -11.54
C GLN H 44 -38.42 -27.07 -12.75
N VAL H 45 -37.14 -27.31 -12.51
CA VAL H 45 -36.19 -27.52 -13.60
C VAL H 45 -35.04 -28.40 -13.11
N VAL H 46 -34.42 -29.11 -14.05
CA VAL H 46 -33.26 -29.95 -13.79
C VAL H 46 -32.05 -29.28 -14.42
N ILE H 47 -31.07 -28.92 -13.59
CA ILE H 47 -29.86 -28.23 -14.03
C ILE H 47 -28.66 -29.04 -13.54
N ASP H 48 -27.93 -29.63 -14.47
CA ASP H 48 -26.74 -30.44 -14.15
C ASP H 48 -27.09 -31.62 -13.26
N GLY H 49 -28.20 -32.30 -13.59
CA GLY H 49 -28.59 -33.50 -12.89
C GLY H 49 -29.25 -33.28 -11.54
N GLU H 50 -29.33 -32.04 -11.06
CA GLU H 50 -29.94 -31.73 -9.76
C GLU H 50 -31.23 -30.96 -10.00
N THR H 51 -32.36 -31.59 -9.69
CA THR H 51 -33.65 -30.94 -9.87
C THR H 51 -33.87 -29.88 -8.79
N CYS H 52 -34.17 -28.67 -9.21
CA CYS H 52 -34.36 -27.54 -8.32
C CYS H 52 -35.63 -26.78 -8.70
N LEU H 53 -35.90 -25.70 -7.98
CA LEU H 53 -37.06 -24.85 -8.24
C LEU H 53 -36.59 -23.41 -8.34
N LEU H 54 -36.82 -22.79 -9.49
CA LEU H 54 -36.46 -21.39 -9.70
C LEU H 54 -37.60 -20.50 -9.25
N ASP H 55 -37.26 -19.46 -8.48
CA ASP H 55 -38.24 -18.48 -8.00
C ASP H 55 -37.72 -17.08 -8.33
N ILE H 56 -38.34 -16.43 -9.30
CA ILE H 56 -37.96 -15.07 -9.68
C ILE H 56 -38.62 -14.11 -8.69
N LEU H 57 -37.80 -13.29 -8.03
CA LEU H 57 -38.32 -12.44 -6.97
C LEU H 57 -38.90 -11.13 -7.49
N ASP H 58 -38.24 -10.51 -8.48
CA ASP H 58 -38.67 -9.22 -8.95
C ASP H 58 -38.19 -8.99 -10.37
N THR H 59 -39.07 -8.42 -11.19
CA THR H 59 -38.74 -7.96 -12.53
C THR H 59 -39.03 -6.46 -12.67
N ALA H 60 -39.37 -5.78 -11.59
CA ALA H 60 -39.72 -4.37 -11.62
C ALA H 60 -38.46 -3.52 -11.48
N GLY H 61 -38.26 -2.60 -12.42
CA GLY H 61 -37.10 -1.75 -12.49
C GLY H 61 -37.22 -0.41 -11.81
N GLN H 62 -38.35 -0.12 -11.15
CA GLN H 62 -38.50 1.15 -10.47
C GLN H 62 -37.45 1.32 -9.39
N GLU H 63 -37.11 2.57 -9.09
CA GLU H 63 -36.02 2.89 -8.17
C GLU H 63 -36.59 3.15 -6.79
N GLU H 64 -36.17 2.34 -5.81
CA GLU H 64 -36.70 2.39 -4.46
C GLU H 64 -35.61 1.92 -3.51
N TYR H 65 -35.08 2.83 -2.71
CA TYR H 65 -34.06 2.49 -1.71
C TYR H 65 -34.64 2.39 -0.32
N SER H 66 -35.78 1.71 -0.18
CA SER H 66 -36.37 1.49 1.12
C SER H 66 -35.72 0.30 1.81
N ALA H 67 -35.63 0.36 3.14
CA ALA H 67 -35.09 -0.76 3.90
C ALA H 67 -35.91 -2.02 3.69
N MET H 68 -37.16 -1.89 3.29
CA MET H 68 -37.99 -3.06 3.02
C MET H 68 -37.58 -3.73 1.71
N ARG H 69 -37.35 -2.94 0.67
CA ARG H 69 -36.86 -3.52 -0.58
C ARG H 69 -35.45 -4.05 -0.42
N ASP H 70 -34.62 -3.33 0.33
CA ASP H 70 -33.29 -3.86 0.67
C ASP H 70 -33.43 -5.21 1.36
N GLN H 71 -34.27 -5.29 2.40
CA GLN H 71 -34.54 -6.56 3.06
C GLN H 71 -35.14 -7.58 2.11
N TYR H 72 -35.80 -7.13 1.03
CA TYR H 72 -36.35 -8.06 0.06
C TYR H 72 -35.29 -8.52 -0.94
N MET H 73 -34.49 -7.58 -1.46
CA MET H 73 -33.41 -7.95 -2.36
C MET H 73 -32.35 -8.78 -1.65
N ARG H 74 -32.19 -8.57 -0.34
CA ARG H 74 -31.17 -9.30 0.42
C ARG H 74 -31.46 -10.79 0.42
N THR H 75 -32.72 -11.19 0.27
CA THR H 75 -33.08 -12.60 0.24
C THR H 75 -32.77 -13.26 -1.09
N GLY H 76 -32.55 -12.48 -2.14
CA GLY H 76 -32.21 -13.06 -3.43
C GLY H 76 -30.84 -13.69 -3.40
N GLU H 77 -30.72 -14.82 -4.09
CA GLU H 77 -29.46 -15.56 -4.14
C GLU H 77 -28.66 -15.31 -5.40
N GLY H 78 -29.32 -15.07 -6.53
CA GLY H 78 -28.63 -14.75 -7.76
C GLY H 78 -29.26 -13.53 -8.41
N PHE H 79 -28.47 -12.87 -9.25
CA PHE H 79 -28.90 -11.65 -9.91
C PHE H 79 -28.56 -11.69 -11.39
N LEU H 80 -29.57 -11.42 -12.23
CA LEU H 80 -29.38 -11.23 -13.66
C LEU H 80 -29.33 -9.74 -13.94
N CYS H 81 -28.14 -9.24 -14.24
CA CYS H 81 -27.96 -7.85 -14.63
C CYS H 81 -28.21 -7.74 -16.13
N VAL H 82 -29.33 -7.13 -16.51
CA VAL H 82 -29.77 -7.10 -17.89
C VAL H 82 -29.65 -5.69 -18.43
N PHE H 83 -29.14 -5.57 -19.65
CA PHE H 83 -29.16 -4.35 -20.41
C PHE H 83 -29.63 -4.69 -21.81
N ALA H 84 -30.19 -3.71 -22.50
CA ALA H 84 -30.61 -3.87 -23.89
C ALA H 84 -29.48 -3.36 -24.77
N ILE H 85 -29.10 -4.15 -25.78
CA ILE H 85 -28.06 -3.74 -26.70
C ILE H 85 -28.51 -2.64 -27.65
N ASN H 86 -29.81 -2.35 -27.67
CA ASN H 86 -30.35 -1.21 -28.41
C ASN H 86 -30.29 0.09 -27.62
N ASN H 87 -29.82 0.05 -26.37
CA ASN H 87 -29.81 1.22 -25.49
C ASN H 87 -28.46 1.28 -24.79
N THR H 88 -27.69 2.34 -25.05
CA THR H 88 -26.34 2.43 -24.49
C THR H 88 -26.37 2.69 -23.00
N LYS H 89 -27.31 3.52 -22.52
CA LYS H 89 -27.31 3.87 -21.10
C LYS H 89 -27.72 2.70 -20.22
N SER H 90 -28.51 1.77 -20.74
CA SER H 90 -28.83 0.56 -19.97
C SER H 90 -27.56 -0.23 -19.66
N PHE H 91 -26.61 -0.25 -20.60
CA PHE H 91 -25.35 -0.94 -20.38
C PHE H 91 -24.45 -0.14 -19.44
N GLU H 92 -24.49 1.18 -19.52
CA GLU H 92 -23.67 2.01 -18.64
C GLU H 92 -24.13 1.91 -17.19
N ASP H 93 -25.45 1.79 -16.98
CA ASP H 93 -25.99 1.71 -15.63
C ASP H 93 -25.73 0.36 -14.96
N ILE H 94 -25.27 -0.64 -15.71
CA ILE H 94 -25.00 -1.96 -15.15
C ILE H 94 -24.11 -1.87 -13.93
N HIS H 95 -23.12 -0.98 -13.97
CA HIS H 95 -22.24 -0.77 -12.82
C HIS H 95 -23.04 -0.45 -11.56
N HIS H 96 -23.99 0.49 -11.68
CA HIS H 96 -24.76 0.91 -10.52
C HIS H 96 -25.58 -0.25 -9.94
N TYR H 97 -26.27 -0.99 -10.80
CA TYR H 97 -27.07 -2.13 -10.34
C TYR H 97 -26.19 -3.16 -9.64
N ARG H 98 -25.02 -3.43 -10.19
CA ARG H 98 -24.12 -4.41 -9.58
C ARG H 98 -23.66 -3.95 -8.19
N GLU H 99 -23.35 -2.66 -8.03
CA GLU H 99 -22.87 -2.17 -6.76
C GLU H 99 -23.97 -2.20 -5.70
N GLN H 100 -25.21 -1.87 -6.08
CA GLN H 100 -26.30 -1.95 -5.13
C GLN H 100 -26.52 -3.38 -4.64
N ILE H 101 -26.28 -4.37 -5.51
CA ILE H 101 -26.36 -5.76 -5.08
C ILE H 101 -25.30 -6.06 -4.03
N LYS H 102 -24.08 -5.57 -4.25
CA LYS H 102 -23.03 -5.74 -3.25
C LYS H 102 -23.42 -5.11 -1.92
N ARG H 103 -24.14 -3.99 -1.96
CA ARG H 103 -24.50 -3.29 -0.73
C ARG H 103 -25.50 -4.11 0.09
N VAL H 104 -26.55 -4.60 -0.56
CA VAL H 104 -27.59 -5.33 0.17
C VAL H 104 -27.08 -6.68 0.64
N LYS H 105 -26.27 -7.36 -0.19
CA LYS H 105 -25.75 -8.66 0.19
C LYS H 105 -24.59 -8.57 1.17
N ASP H 106 -23.99 -7.39 1.34
CA ASP H 106 -22.86 -7.18 2.24
C ASP H 106 -21.71 -8.14 1.90
N SER H 107 -21.38 -8.21 0.61
CA SER H 107 -20.26 -9.03 0.15
C SER H 107 -19.85 -8.54 -1.23
N GLU H 108 -18.55 -8.66 -1.52
CA GLU H 108 -18.01 -8.22 -2.79
C GLU H 108 -18.24 -9.24 -3.90
N ASP H 109 -18.32 -10.52 -3.55
CA ASP H 109 -18.53 -11.60 -4.52
C ASP H 109 -19.93 -12.16 -4.29
N VAL H 110 -20.85 -11.83 -5.19
CA VAL H 110 -22.22 -12.33 -5.12
C VAL H 110 -22.58 -12.92 -6.47
N PRO H 111 -23.24 -14.10 -6.52
CA PRO H 111 -23.59 -14.72 -7.79
C PRO H 111 -24.32 -13.78 -8.73
N MET H 112 -23.78 -13.61 -9.93
CA MET H 112 -24.27 -12.61 -10.86
C MET H 112 -23.97 -13.06 -12.28
N VAL H 113 -24.81 -12.61 -13.22
CA VAL H 113 -24.62 -12.91 -14.64
C VAL H 113 -25.06 -11.69 -15.45
N LEU H 114 -24.15 -11.19 -16.29
CA LEU H 114 -24.47 -10.07 -17.16
C LEU H 114 -25.24 -10.56 -18.38
N VAL H 115 -26.37 -9.92 -18.67
CA VAL H 115 -27.27 -10.35 -19.73
C VAL H 115 -27.48 -9.20 -20.71
N GLY H 116 -27.23 -9.47 -21.98
CA GLY H 116 -27.55 -8.51 -23.03
C GLY H 116 -28.78 -8.95 -23.78
N ASN H 117 -29.87 -8.21 -23.63
CA ASN H 117 -31.16 -8.61 -24.19
C ASN H 117 -31.41 -7.89 -25.51
N LYS H 118 -32.38 -8.42 -26.27
CA LYS H 118 -32.81 -7.87 -27.54
C LYS H 118 -31.74 -8.00 -28.61
N CYS H 119 -31.09 -9.16 -28.67
CA CYS H 119 -30.12 -9.43 -29.73
C CYS H 119 -30.77 -9.71 -31.07
N ASP H 120 -32.09 -9.88 -31.10
CA ASP H 120 -32.80 -10.01 -32.37
C ASP H 120 -32.97 -8.65 -33.05
N LEU H 121 -32.98 -7.58 -32.26
CA LEU H 121 -33.16 -6.25 -32.82
C LEU H 121 -31.95 -5.88 -33.68
N PRO H 122 -32.17 -5.18 -34.80
CA PRO H 122 -31.06 -4.81 -35.68
C PRO H 122 -30.40 -3.48 -35.35
N SER H 123 -30.71 -2.88 -34.20
CA SER H 123 -30.19 -1.57 -33.84
C SER H 123 -29.16 -1.67 -32.72
N ARG H 124 -28.25 -2.65 -32.82
CA ARG H 124 -27.25 -2.83 -31.78
C ARG H 124 -26.36 -1.60 -31.67
N THR H 125 -26.26 -1.06 -30.46
CA THR H 125 -25.34 0.03 -30.15
C THR H 125 -24.24 -0.37 -29.18
N VAL H 126 -24.46 -1.44 -28.42
CA VAL H 126 -23.45 -1.98 -27.49
C VAL H 126 -22.88 -3.23 -28.14
N ASP H 127 -21.61 -3.17 -28.54
CA ASP H 127 -20.98 -4.31 -29.18
C ASP H 127 -20.80 -5.45 -28.19
N THR H 128 -20.86 -6.68 -28.71
CA THR H 128 -20.68 -7.85 -27.86
C THR H 128 -19.30 -7.86 -27.21
N LYS H 129 -18.28 -7.37 -27.91
CA LYS H 129 -16.94 -7.31 -27.34
C LYS H 129 -16.88 -6.44 -26.09
N GLN H 130 -17.68 -5.37 -26.05
CA GLN H 130 -17.70 -4.52 -24.86
C GLN H 130 -18.19 -5.29 -23.65
N ALA H 131 -19.27 -6.06 -23.81
CA ALA H 131 -19.90 -6.71 -22.67
C ALA H 131 -19.05 -7.84 -22.13
N GLN H 132 -18.46 -8.65 -23.03
CA GLN H 132 -17.56 -9.70 -22.57
C GLN H 132 -16.36 -9.14 -21.85
N ASP H 133 -15.88 -7.95 -22.27
CA ASP H 133 -14.80 -7.30 -21.55
C ASP H 133 -15.27 -6.83 -20.18
N LEU H 134 -16.48 -6.27 -20.11
CA LEU H 134 -17.03 -5.89 -18.81
C LEU H 134 -17.28 -7.10 -17.94
N ALA H 135 -17.80 -8.18 -18.53
CA ALA H 135 -18.04 -9.40 -17.76
C ALA H 135 -16.72 -10.01 -17.29
N ARG H 136 -15.68 -9.95 -18.11
CA ARG H 136 -14.39 -10.47 -17.71
C ARG H 136 -13.78 -9.67 -16.57
N SER H 137 -14.04 -8.36 -16.52
CA SER H 137 -13.56 -7.55 -15.40
C SER H 137 -14.36 -7.84 -14.14
N TYR H 138 -15.66 -8.13 -14.27
CA TYR H 138 -16.48 -8.47 -13.13
C TYR H 138 -16.30 -9.90 -12.66
N GLY H 139 -15.69 -10.76 -13.48
CA GLY H 139 -15.53 -12.15 -13.11
C GLY H 139 -16.83 -12.93 -13.15
N ILE H 140 -17.78 -12.52 -13.98
CA ILE H 140 -19.08 -13.17 -14.06
C ILE H 140 -19.34 -13.56 -15.51
N PRO H 141 -20.18 -14.57 -15.73
CA PRO H 141 -20.53 -14.95 -17.11
C PRO H 141 -21.31 -13.84 -17.81
N PHE H 142 -21.31 -13.91 -19.14
CA PHE H 142 -22.08 -13.01 -19.98
C PHE H 142 -22.80 -13.82 -21.05
N ILE H 143 -24.10 -13.58 -21.18
CA ILE H 143 -24.94 -14.30 -22.13
C ILE H 143 -25.80 -13.29 -22.88
N GLU H 144 -25.82 -13.41 -24.22
CA GLU H 144 -26.72 -12.63 -25.05
C GLU H 144 -28.05 -13.36 -25.14
N THR H 145 -29.15 -12.63 -24.94
CA THR H 145 -30.47 -13.22 -24.87
C THR H 145 -31.44 -12.46 -25.77
N SER H 146 -32.55 -13.13 -26.08
CA SER H 146 -33.65 -12.54 -26.84
C SER H 146 -34.95 -13.06 -26.26
N ALA H 147 -35.72 -12.18 -25.63
CA ALA H 147 -37.01 -12.58 -25.08
C ALA H 147 -38.02 -12.90 -26.16
N LYS H 148 -37.81 -12.43 -27.39
CA LYS H 148 -38.76 -12.72 -28.46
C LYS H 148 -38.48 -14.08 -29.11
N THR H 149 -37.22 -14.48 -29.20
CA THR H 149 -36.83 -15.67 -29.93
C THR H 149 -36.33 -16.80 -29.03
N ARG H 150 -36.53 -16.68 -27.72
CA ARG H 150 -36.11 -17.68 -26.74
C ARG H 150 -34.59 -17.86 -26.68
N GLN H 151 -33.83 -17.03 -27.40
CA GLN H 151 -32.39 -17.24 -27.49
C GLN H 151 -31.71 -16.92 -26.18
N GLY H 152 -31.00 -17.89 -25.62
CA GLY H 152 -30.18 -17.67 -24.44
C GLY H 152 -30.95 -17.57 -23.15
N VAL H 153 -32.28 -17.50 -23.20
CA VAL H 153 -33.07 -17.28 -21.99
C VAL H 153 -32.79 -18.36 -20.96
N ASP H 154 -32.91 -19.63 -21.37
CA ASP H 154 -32.65 -20.72 -20.43
C ASP H 154 -31.21 -20.69 -19.92
N ASP H 155 -30.25 -20.63 -20.85
CA ASP H 155 -28.84 -20.63 -20.46
C ASP H 155 -28.53 -19.51 -19.48
N ALA H 156 -29.16 -18.34 -19.67
CA ALA H 156 -28.86 -17.20 -18.81
C ALA H 156 -29.30 -17.47 -17.38
N PHE H 157 -30.48 -18.07 -17.20
CA PHE H 157 -30.93 -18.38 -15.85
C PHE H 157 -30.18 -19.58 -15.28
N TYR H 158 -30.00 -20.64 -16.09
CA TYR H 158 -29.31 -21.82 -15.60
C TYR H 158 -27.87 -21.51 -15.23
N THR H 159 -27.21 -20.65 -16.01
CA THR H 159 -25.85 -20.23 -15.67
C THR H 159 -25.81 -19.52 -14.33
N LEU H 160 -26.78 -18.66 -14.06
CA LEU H 160 -26.86 -18.01 -12.77
C LEU H 160 -27.04 -19.02 -11.65
N VAL H 161 -27.88 -20.03 -11.86
CA VAL H 161 -28.02 -21.12 -10.90
C VAL H 161 -26.69 -21.85 -10.73
N ARG H 162 -25.95 -22.02 -11.82
CA ARG H 162 -24.62 -22.63 -11.71
C ARG H 162 -23.68 -21.74 -10.92
N GLU H 163 -23.73 -20.42 -11.15
CA GLU H 163 -22.92 -19.49 -10.39
C GLU H 163 -23.34 -19.40 -8.92
N ILE H 164 -24.60 -19.77 -8.61
CA ILE H 164 -25.01 -19.85 -7.22
C ILE H 164 -24.43 -21.09 -6.55
N ARG H 165 -24.45 -22.22 -7.25
CA ARG H 165 -23.83 -23.43 -6.72
C ARG H 165 -22.32 -23.29 -6.60
N LYS H 166 -21.70 -22.53 -7.51
CA LYS H 166 -20.27 -22.29 -7.41
C LYS H 166 -19.91 -21.44 -6.20
N HIS H 167 -20.79 -20.51 -5.81
CA HIS H 167 -20.49 -19.61 -4.71
C HIS H 167 -20.63 -20.29 -3.35
N LYS H 168 -21.29 -21.44 -3.27
CA LYS H 168 -21.42 -22.16 -2.02
C LYS H 168 -20.21 -23.04 -1.78
N GLU H 169 -19.03 -22.58 -2.21
CA GLU H 169 -17.79 -23.32 -2.05
C GLU H 169 -17.90 -24.74 -2.62
#